data_1X3O
# 
_entry.id   1X3O 
# 
_audit_conform.dict_name       mmcif_pdbx.dic 
_audit_conform.dict_version    5.380 
_audit_conform.dict_location   http://mmcif.pdb.org/dictionaries/ascii/mmcif_pdbx.dic 
# 
loop_
_database_2.database_id 
_database_2.database_code 
_database_2.pdbx_database_accession 
_database_2.pdbx_DOI 
PDB   1X3O         pdb_00001x3o 10.2210/pdb1x3o/pdb 
RCSB  RCSB024338   ?            ?                   
WWPDB D_1000024338 ?            ?                   
# 
_pdbx_database_related.db_name        TargetDB 
_pdbx_database_related.db_id          ttk003000144.1 
_pdbx_database_related.details        . 
_pdbx_database_related.content_type   unspecified 
# 
_pdbx_database_status.status_code                     REL 
_pdbx_database_status.entry_id                        1X3O 
_pdbx_database_status.recvd_initial_deposition_date   2005-05-10 
_pdbx_database_status.deposit_site                    PDBJ 
_pdbx_database_status.process_site                    PDBJ 
_pdbx_database_status.status_code_sf                  REL 
_pdbx_database_status.status_code_mr                  ? 
_pdbx_database_status.SG_entry                        Y 
_pdbx_database_status.pdb_format_compatible           Y 
_pdbx_database_status.status_code_cs                  ? 
_pdbx_database_status.status_code_nmr_data            ? 
_pdbx_database_status.methods_development_category    ? 
# 
loop_
_audit_author.name 
_audit_author.pdbx_ordinal 
'Mizutani, H.'                                           1 
'Kunishima, N.'                                          2 
'RIKEN Structural Genomics/Proteomics Initiative (RSGI)' 3 
# 
_citation.id                        primary 
_citation.title                     'Crystal structure of the acyl carrier protein from thermus thermophilus HB8' 
_citation.journal_abbrev            'To be Published' 
_citation.journal_volume            ? 
_citation.page_first                ? 
_citation.page_last                 ? 
_citation.year                      ? 
_citation.journal_id_ASTM           ? 
_citation.country                   ? 
_citation.journal_id_ISSN           ? 
_citation.journal_id_CSD            0353 
_citation.book_publisher            ? 
_citation.pdbx_database_id_PubMed   ? 
_citation.pdbx_database_id_DOI      ? 
# 
loop_
_citation_author.citation_id 
_citation_author.name 
_citation_author.ordinal 
_citation_author.identifier_ORCID 
primary 'Mizutani, H.'  1 ? 
primary 'Kunishima, N.' 2 ? 
# 
_cell.entry_id           1X3O 
_cell.length_a           93.368 
_cell.length_b           93.368 
_cell.length_c           26.047 
_cell.angle_alpha        90.00 
_cell.angle_beta         90.00 
_cell.angle_gamma        90.00 
_cell.Z_PDB              8 
_cell.pdbx_unique_axis   ? 
_cell.length_a_esd       ? 
_cell.length_b_esd       ? 
_cell.length_c_esd       ? 
_cell.angle_alpha_esd    ? 
_cell.angle_beta_esd     ? 
_cell.angle_gamma_esd    ? 
# 
_symmetry.entry_id                         1X3O 
_symmetry.space_group_name_H-M             'P 43 21 2' 
_symmetry.pdbx_full_space_group_name_H-M   ? 
_symmetry.cell_setting                     ? 
_symmetry.Int_Tables_number                96 
_symmetry.space_group_name_Hall            ? 
# 
loop_
_entity.id 
_entity.type 
_entity.src_method 
_entity.pdbx_description 
_entity.formula_weight 
_entity.pdbx_number_of_molecules 
_entity.pdbx_ec 
_entity.pdbx_mutation 
_entity.pdbx_fragment 
_entity.details 
1 polymer man 'acyl carrier protein' 9024.226 1   ? ? ? ? 
2 water   nat water                  18.015   100 ? ? ? ? 
# 
_entity_poly.entity_id                      1 
_entity_poly.type                           'polypeptide(L)' 
_entity_poly.nstd_linkage                   no 
_entity_poly.nstd_monomer                   no 
_entity_poly.pdbx_seq_one_letter_code       MTEQEIFEKVKAVIADKLQVEPEKVTLEARFIEDLGADSLDTVELIMGLEDEFGLEISDEEAEKIRTVKDAVEYIKAKLG 
_entity_poly.pdbx_seq_one_letter_code_can   MTEQEIFEKVKAVIADKLQVEPEKVTLEARFIEDLGADSLDTVELIMGLEDEFGLEISDEEAEKIRTVKDAVEYIKAKLG 
_entity_poly.pdbx_strand_id                 A 
_entity_poly.pdbx_target_identifier         ttk003000144.1 
# 
loop_
_entity_poly_seq.entity_id 
_entity_poly_seq.num 
_entity_poly_seq.mon_id 
_entity_poly_seq.hetero 
1 1  MET n 
1 2  THR n 
1 3  GLU n 
1 4  GLN n 
1 5  GLU n 
1 6  ILE n 
1 7  PHE n 
1 8  GLU n 
1 9  LYS n 
1 10 VAL n 
1 11 LYS n 
1 12 ALA n 
1 13 VAL n 
1 14 ILE n 
1 15 ALA n 
1 16 ASP n 
1 17 LYS n 
1 18 LEU n 
1 19 GLN n 
1 20 VAL n 
1 21 GLU n 
1 22 PRO n 
1 23 GLU n 
1 24 LYS n 
1 25 VAL n 
1 26 THR n 
1 27 LEU n 
1 28 GLU n 
1 29 ALA n 
1 30 ARG n 
1 31 PHE n 
1 32 ILE n 
1 33 GLU n 
1 34 ASP n 
1 35 LEU n 
1 36 GLY n 
1 37 ALA n 
1 38 ASP n 
1 39 SER n 
1 40 LEU n 
1 41 ASP n 
1 42 THR n 
1 43 VAL n 
1 44 GLU n 
1 45 LEU n 
1 46 ILE n 
1 47 MET n 
1 48 GLY n 
1 49 LEU n 
1 50 GLU n 
1 51 ASP n 
1 52 GLU n 
1 53 PHE n 
1 54 GLY n 
1 55 LEU n 
1 56 GLU n 
1 57 ILE n 
1 58 SER n 
1 59 ASP n 
1 60 GLU n 
1 61 GLU n 
1 62 ALA n 
1 63 GLU n 
1 64 LYS n 
1 65 ILE n 
1 66 ARG n 
1 67 THR n 
1 68 VAL n 
1 69 LYS n 
1 70 ASP n 
1 71 ALA n 
1 72 VAL n 
1 73 GLU n 
1 74 TYR n 
1 75 ILE n 
1 76 LYS n 
1 77 ALA n 
1 78 LYS n 
1 79 LEU n 
1 80 GLY n 
# 
_entity_src_gen.entity_id                          1 
_entity_src_gen.pdbx_src_id                        1 
_entity_src_gen.pdbx_alt_source_flag               sample 
_entity_src_gen.pdbx_seq_type                      ? 
_entity_src_gen.pdbx_beg_seq_num                   ? 
_entity_src_gen.pdbx_end_seq_num                   ? 
_entity_src_gen.gene_src_common_name               ? 
_entity_src_gen.gene_src_genus                     Thermus 
_entity_src_gen.pdbx_gene_src_gene                 ? 
_entity_src_gen.gene_src_species                   'Thermus thermophilus' 
_entity_src_gen.gene_src_strain                    HB8 
_entity_src_gen.gene_src_tissue                    ? 
_entity_src_gen.gene_src_tissue_fraction           ? 
_entity_src_gen.gene_src_details                   ? 
_entity_src_gen.pdbx_gene_src_fragment             ? 
_entity_src_gen.pdbx_gene_src_scientific_name      'Thermus thermophilus' 
_entity_src_gen.pdbx_gene_src_ncbi_taxonomy_id     300852 
_entity_src_gen.pdbx_gene_src_variant              ? 
_entity_src_gen.pdbx_gene_src_cell_line            ? 
_entity_src_gen.pdbx_gene_src_atcc                 ? 
_entity_src_gen.pdbx_gene_src_organ                ? 
_entity_src_gen.pdbx_gene_src_organelle            ? 
_entity_src_gen.pdbx_gene_src_cell                 ? 
_entity_src_gen.pdbx_gene_src_cellular_location    ? 
_entity_src_gen.host_org_common_name               ? 
_entity_src_gen.pdbx_host_org_scientific_name      'Escherichia coli BL21(DE3)' 
_entity_src_gen.pdbx_host_org_ncbi_taxonomy_id     469008 
_entity_src_gen.host_org_genus                     Escherichia 
_entity_src_gen.pdbx_host_org_gene                 ? 
_entity_src_gen.pdbx_host_org_organ                ? 
_entity_src_gen.host_org_species                   'Escherichia coli' 
_entity_src_gen.pdbx_host_org_tissue               ? 
_entity_src_gen.pdbx_host_org_tissue_fraction      ? 
_entity_src_gen.pdbx_host_org_strain               'BL21(DE3)' 
_entity_src_gen.pdbx_host_org_variant              ? 
_entity_src_gen.pdbx_host_org_cell_line            ? 
_entity_src_gen.pdbx_host_org_atcc                 ? 
_entity_src_gen.pdbx_host_org_culture_collection   ? 
_entity_src_gen.pdbx_host_org_cell                 ? 
_entity_src_gen.pdbx_host_org_organelle            ? 
_entity_src_gen.pdbx_host_org_cellular_location    ? 
_entity_src_gen.pdbx_host_org_vector_type          plasmid 
_entity_src_gen.pdbx_host_org_vector               ? 
_entity_src_gen.host_org_details                   ? 
_entity_src_gen.expression_system_id               ? 
_entity_src_gen.plasmid_name                       pET11a 
_entity_src_gen.plasmid_details                    ? 
_entity_src_gen.pdbx_description                   ? 
# 
_struct_ref.id                         1 
_struct_ref.db_name                    UNP 
_struct_ref.db_code                    Q5SL79_THET8 
_struct_ref.pdbx_db_accession          Q5SL79 
_struct_ref.entity_id                  1 
_struct_ref.pdbx_align_begin           1 
_struct_ref.pdbx_db_isoform            ? 
_struct_ref.pdbx_seq_one_letter_code   ? 
# 
_struct_ref_seq.align_id                      1 
_struct_ref_seq.ref_id                        1 
_struct_ref_seq.pdbx_PDB_id_code              1X3O 
_struct_ref_seq.pdbx_strand_id                A 
_struct_ref_seq.seq_align_beg                 1 
_struct_ref_seq.pdbx_seq_align_beg_ins_code   ? 
_struct_ref_seq.seq_align_end                 80 
_struct_ref_seq.pdbx_seq_align_end_ins_code   ? 
_struct_ref_seq.pdbx_db_accession             Q5SL79 
_struct_ref_seq.db_align_beg                  1 
_struct_ref_seq.pdbx_db_align_beg_ins_code    ? 
_struct_ref_seq.db_align_end                  80 
_struct_ref_seq.pdbx_db_align_end_ins_code    ? 
_struct_ref_seq.pdbx_auth_seq_align_beg       1 
_struct_ref_seq.pdbx_auth_seq_align_end       80 
# 
loop_
_chem_comp.id 
_chem_comp.type 
_chem_comp.mon_nstd_flag 
_chem_comp.name 
_chem_comp.pdbx_synonyms 
_chem_comp.formula 
_chem_comp.formula_weight 
ALA 'L-peptide linking' y ALANINE         ? 'C3 H7 N O2'     89.093  
ARG 'L-peptide linking' y ARGININE        ? 'C6 H15 N4 O2 1' 175.209 
ASP 'L-peptide linking' y 'ASPARTIC ACID' ? 'C4 H7 N O4'     133.103 
GLN 'L-peptide linking' y GLUTAMINE       ? 'C5 H10 N2 O3'   146.144 
GLU 'L-peptide linking' y 'GLUTAMIC ACID' ? 'C5 H9 N O4'     147.129 
GLY 'peptide linking'   y GLYCINE         ? 'C2 H5 N O2'     75.067  
HOH non-polymer         . WATER           ? 'H2 O'           18.015  
ILE 'L-peptide linking' y ISOLEUCINE      ? 'C6 H13 N O2'    131.173 
LEU 'L-peptide linking' y LEUCINE         ? 'C6 H13 N O2'    131.173 
LYS 'L-peptide linking' y LYSINE          ? 'C6 H15 N2 O2 1' 147.195 
MET 'L-peptide linking' y METHIONINE      ? 'C5 H11 N O2 S'  149.211 
PHE 'L-peptide linking' y PHENYLALANINE   ? 'C9 H11 N O2'    165.189 
PRO 'L-peptide linking' y PROLINE         ? 'C5 H9 N O2'     115.130 
SER 'L-peptide linking' y SERINE          ? 'C3 H7 N O3'     105.093 
THR 'L-peptide linking' y THREONINE       ? 'C4 H9 N O3'     119.119 
TYR 'L-peptide linking' y TYROSINE        ? 'C9 H11 N O3'    181.189 
VAL 'L-peptide linking' y VALINE          ? 'C5 H11 N O2'    117.146 
# 
_exptl.entry_id          1X3O 
_exptl.method            'X-RAY DIFFRACTION' 
_exptl.crystals_number   1 
# 
_exptl_crystal.id                    1 
_exptl_crystal.density_meas          ? 
_exptl_crystal.density_Matthews      3.15 
_exptl_crystal.density_percent_sol   60.94 
_exptl_crystal.description           ? 
_exptl_crystal.F_000                 ? 
_exptl_crystal.preparation           ? 
# 
_exptl_crystal_grow.crystal_id      1 
_exptl_crystal_grow.method          Gel-Tube 
_exptl_crystal_grow.temp            293 
_exptl_crystal_grow.temp_details    ? 
_exptl_crystal_grow.pH              4.2 
_exptl_crystal_grow.pdbx_details    'PEG 4000, dioxane, acetate, pH 4.2, Gel-Tube, temperature 293K' 
_exptl_crystal_grow.pdbx_pH_range   . 
# 
_diffrn.id                     1 
_diffrn.ambient_temp           100 
_diffrn.ambient_temp_details   ? 
_diffrn.crystal_id             1 
# 
_diffrn_detector.diffrn_id              1 
_diffrn_detector.detector               CCD 
_diffrn_detector.type                   'RIGAKU JUPITER 210' 
_diffrn_detector.pdbx_collection_date   2004-11-11 
_diffrn_detector.details                mirrors 
# 
_diffrn_radiation.diffrn_id                        1 
_diffrn_radiation.wavelength_id                    1 
_diffrn_radiation.pdbx_monochromatic_or_laue_m_l   M 
_diffrn_radiation.monochromator                    'Bending magnet' 
_diffrn_radiation.pdbx_diffrn_protocol             'SINGLE WAVELENGTH' 
_diffrn_radiation.pdbx_scattering_type             x-ray 
# 
_diffrn_radiation_wavelength.id           1 
_diffrn_radiation_wavelength.wavelength   0.9 
_diffrn_radiation_wavelength.wt           1.0 
# 
_diffrn_source.diffrn_id                   1 
_diffrn_source.source                      SYNCHROTRON 
_diffrn_source.type                        'SPRING-8 BEAMLINE BL26B1' 
_diffrn_source.pdbx_synchrotron_site       SPring-8 
_diffrn_source.pdbx_synchrotron_beamline   BL26B1 
_diffrn_source.pdbx_wavelength             ? 
_diffrn_source.pdbx_wavelength_list        0.9 
# 
_reflns.entry_id                     1X3O 
_reflns.observed_criterion_sigma_I   0 
_reflns.observed_criterion_sigma_F   0 
_reflns.d_resolution_low             30.0 
_reflns.d_resolution_high            1.5 
_reflns.number_obs                   18911 
_reflns.number_all                   18911 
_reflns.percent_possible_obs         98.8 
_reflns.pdbx_Rmerge_I_obs            0.046 
_reflns.pdbx_Rsym_value              0.045 
_reflns.pdbx_netI_over_sigmaI        16.7 
_reflns.B_iso_Wilson_estimate        24.4 
_reflns.pdbx_redundancy              10.1 
_reflns.R_free_details               ? 
_reflns.limit_h_max                  ? 
_reflns.limit_h_min                  ? 
_reflns.limit_k_max                  ? 
_reflns.limit_k_min                  ? 
_reflns.limit_l_max                  ? 
_reflns.limit_l_min                  ? 
_reflns.observed_criterion_F_max     ? 
_reflns.observed_criterion_F_min     ? 
_reflns.pdbx_chi_squared             ? 
_reflns.pdbx_scaling_rejects         ? 
_reflns.pdbx_ordinal                 1 
_reflns.pdbx_diffrn_id               1 
# 
_reflns_shell.d_res_high             1.50 
_reflns_shell.d_res_low              1.55 
_reflns_shell.percent_possible_all   96.0 
_reflns_shell.Rmerge_I_obs           0.473 
_reflns_shell.pdbx_Rsym_value        0.453 
_reflns_shell.meanI_over_sigI_obs    4.06 
_reflns_shell.pdbx_redundancy        10.2 
_reflns_shell.percent_possible_obs   ? 
_reflns_shell.number_unique_all      1799 
_reflns_shell.number_measured_all    ? 
_reflns_shell.number_measured_obs    ? 
_reflns_shell.number_unique_obs      ? 
_reflns_shell.pdbx_chi_squared       ? 
_reflns_shell.pdbx_ordinal           1 
_reflns_shell.pdbx_diffrn_id         1 
# 
_refine.entry_id                                 1X3O 
_refine.ls_number_reflns_obs                     18878 
_refine.ls_number_reflns_all                     18878 
_refine.pdbx_ls_sigma_I                          ? 
_refine.pdbx_ls_sigma_F                          0.0 
_refine.pdbx_data_cutoff_high_absF               909289.74 
_refine.pdbx_data_cutoff_low_absF                0.000000 
_refine.pdbx_data_cutoff_high_rms_absF           ? 
_refine.ls_d_res_low                             30.0 
_refine.ls_d_res_high                            1.50 
_refine.ls_percent_reflns_obs                    98.7 
_refine.ls_R_factor_obs                          0.252 
_refine.ls_R_factor_all                          0.254 
_refine.ls_R_factor_R_work                       0.252 
_refine.ls_R_factor_R_free                       0.282 
_refine.ls_R_factor_R_free_error                 0.009 
_refine.ls_R_factor_R_free_error_details         ? 
_refine.ls_percent_reflns_R_free                 5.1 
_refine.ls_number_reflns_R_free                  956 
_refine.ls_number_parameters                     ? 
_refine.ls_number_restraints                     ? 
_refine.occupancy_min                            ? 
_refine.occupancy_max                            ? 
_refine.correlation_coeff_Fo_to_Fc               ? 
_refine.correlation_coeff_Fo_to_Fc_free          ? 
_refine.B_iso_mean                               26.2 
_refine.aniso_B[1][1]                            0.29 
_refine.aniso_B[2][2]                            0.29 
_refine.aniso_B[3][3]                            -0.57 
_refine.aniso_B[1][2]                            0.00 
_refine.aniso_B[1][3]                            0.00 
_refine.aniso_B[2][3]                            0.00 
_refine.solvent_model_details                    'FLAT MODEL' 
_refine.solvent_model_param_ksol                 0.353233 
_refine.solvent_model_param_bsol                 40.1365 
_refine.pdbx_solvent_vdw_probe_radii             ? 
_refine.pdbx_solvent_ion_probe_radii             ? 
_refine.pdbx_solvent_shrinkage_radii             ? 
_refine.pdbx_ls_cross_valid_method               THROUGHOUT 
_refine.details                                  ? 
_refine.pdbx_starting_model                      'PDB ENTRY 1L0H' 
_refine.pdbx_method_to_determine_struct          'MOLECULAR REPLACEMENT' 
_refine.pdbx_isotropic_thermal_model             RESTRAINED 
_refine.pdbx_stereochemistry_target_values       'Engh & Huber' 
_refine.pdbx_stereochem_target_val_spec_case     ? 
_refine.pdbx_R_Free_selection_details            RANDOM 
_refine.pdbx_overall_ESU_R                       ? 
_refine.pdbx_overall_ESU_R_Free                  ? 
_refine.overall_SU_ML                            ? 
_refine.overall_SU_B                             ? 
_refine.ls_redundancy_reflns_obs                 ? 
_refine.B_iso_min                                ? 
_refine.B_iso_max                                ? 
_refine.overall_SU_R_Cruickshank_DPI             ? 
_refine.overall_SU_R_free                        ? 
_refine.ls_wR_factor_R_free                      ? 
_refine.ls_wR_factor_R_work                      ? 
_refine.overall_FOM_free_R_set                   ? 
_refine.overall_FOM_work_R_set                   ? 
_refine.pdbx_refine_id                           'X-RAY DIFFRACTION' 
_refine.pdbx_diffrn_id                           1 
_refine.pdbx_TLS_residual_ADP_flag               ? 
_refine.pdbx_overall_phase_error                 ? 
_refine.pdbx_overall_SU_R_free_Cruickshank_DPI   ? 
_refine.pdbx_overall_SU_R_Blow_DPI               ? 
_refine.pdbx_overall_SU_R_free_Blow_DPI          ? 
# 
_refine_analyze.entry_id                        1X3O 
_refine_analyze.Luzzati_coordinate_error_obs    0.23 
_refine_analyze.Luzzati_sigma_a_obs             0.20 
_refine_analyze.Luzzati_d_res_low_obs           5.00 
_refine_analyze.Luzzati_coordinate_error_free   0.27 
_refine_analyze.Luzzati_sigma_a_free            0.22 
_refine_analyze.Luzzati_d_res_low_free          ? 
_refine_analyze.number_disordered_residues      ? 
_refine_analyze.occupancy_sum_hydrogen          ? 
_refine_analyze.occupancy_sum_non_hydrogen      ? 
_refine_analyze.pdbx_Luzzati_d_res_high_obs     ? 
_refine_analyze.pdbx_refine_id                  'X-RAY DIFFRACTION' 
# 
_refine_hist.pdbx_refine_id                   'X-RAY DIFFRACTION' 
_refine_hist.cycle_id                         LAST 
_refine_hist.pdbx_number_atoms_protein        632 
_refine_hist.pdbx_number_atoms_nucleic_acid   0 
_refine_hist.pdbx_number_atoms_ligand         0 
_refine_hist.number_atoms_solvent             100 
_refine_hist.number_atoms_total               732 
_refine_hist.d_res_high                       1.50 
_refine_hist.d_res_low                        30.0 
# 
loop_
_refine_ls_restr.type 
_refine_ls_restr.dev_ideal 
_refine_ls_restr.dev_ideal_target 
_refine_ls_restr.weight 
_refine_ls_restr.number 
_refine_ls_restr.pdbx_refine_id 
_refine_ls_restr.pdbx_restraint_function 
c_bond_d                0.005 ?    ? ? 'X-RAY DIFFRACTION' ? 
c_bond_d_na             ?     ?    ? ? 'X-RAY DIFFRACTION' ? 
c_bond_d_prot           ?     ?    ? ? 'X-RAY DIFFRACTION' ? 
c_angle_d               ?     ?    ? ? 'X-RAY DIFFRACTION' ? 
c_angle_d_na            ?     ?    ? ? 'X-RAY DIFFRACTION' ? 
c_angle_d_prot          ?     ?    ? ? 'X-RAY DIFFRACTION' ? 
c_angle_deg             1.1   ?    ? ? 'X-RAY DIFFRACTION' ? 
c_angle_deg_na          ?     ?    ? ? 'X-RAY DIFFRACTION' ? 
c_angle_deg_prot        ?     ?    ? ? 'X-RAY DIFFRACTION' ? 
c_dihedral_angle_d      17.7  ?    ? ? 'X-RAY DIFFRACTION' ? 
c_dihedral_angle_d_na   ?     ?    ? ? 'X-RAY DIFFRACTION' ? 
c_dihedral_angle_d_prot ?     ?    ? ? 'X-RAY DIFFRACTION' ? 
c_improper_angle_d      0.66  ?    ? ? 'X-RAY DIFFRACTION' ? 
c_improper_angle_d_na   ?     ?    ? ? 'X-RAY DIFFRACTION' ? 
c_improper_angle_d_prot ?     ?    ? ? 'X-RAY DIFFRACTION' ? 
c_mcbond_it             1.35  1.50 ? ? 'X-RAY DIFFRACTION' ? 
c_mcangle_it            2.02  2.00 ? ? 'X-RAY DIFFRACTION' ? 
c_scbond_it             2.19  2.00 ? ? 'X-RAY DIFFRACTION' ? 
c_scangle_it            3.47  2.50 ? ? 'X-RAY DIFFRACTION' ? 
# 
_refine_ls_shell.pdbx_total_number_of_bins_used   6 
_refine_ls_shell.d_res_high                       1.50 
_refine_ls_shell.d_res_low                        1.59 
_refine_ls_shell.number_reflns_R_work             2891 
_refine_ls_shell.R_factor_R_work                  0.319 
_refine_ls_shell.percent_reflns_obs               97.6 
_refine_ls_shell.R_factor_R_free                  0.354 
_refine_ls_shell.R_factor_R_free_error            0.029 
_refine_ls_shell.percent_reflns_R_free            4.8 
_refine_ls_shell.number_reflns_R_free             146 
_refine_ls_shell.number_reflns_obs                ? 
_refine_ls_shell.redundancy_reflns_obs            ? 
_refine_ls_shell.number_reflns_all                ? 
_refine_ls_shell.R_factor_all                     ? 
_refine_ls_shell.pdbx_refine_id                   'X-RAY DIFFRACTION' 
# 
loop_
_pdbx_xplor_file.serial_no 
_pdbx_xplor_file.param_file 
_pdbx_xplor_file.topol_file 
_pdbx_xplor_file.pdbx_refine_id 
1 protein_rep.param protein.top 'X-RAY DIFFRACTION' 
2 water_rep.param   water.top   'X-RAY DIFFRACTION' 
# 
_struct.entry_id                  1X3O 
_struct.title                     'Crystal structure of the acyl carrier protein from thermus thermophilus HB8' 
_struct.pdbx_model_details        ? 
_struct.pdbx_CASP_flag            ? 
_struct.pdbx_model_type_details   ? 
# 
_struct_keywords.entry_id        1X3O 
_struct_keywords.pdbx_keywords   'LIPID TRANSPORT' 
_struct_keywords.text            
;structural genomics, RIKEN Structural Genomics/Proteomics Initiative, RSGI, NPPSFA, National Project on Protein Structural and Functional Analyses, LIPID TRANSPORT
;
# 
loop_
_struct_asym.id 
_struct_asym.pdbx_blank_PDB_chainid_flag 
_struct_asym.pdbx_modified 
_struct_asym.entity_id 
_struct_asym.details 
A N N 1 ? 
B N N 2 ? 
# 
_struct_biol.id                    1 
_struct_biol.details               'The biological assembly is monomer.' 
_struct_biol.pdbx_parent_biol_id   ? 
# 
loop_
_struct_conf.conf_type_id 
_struct_conf.id 
_struct_conf.pdbx_PDB_helix_id 
_struct_conf.beg_label_comp_id 
_struct_conf.beg_label_asym_id 
_struct_conf.beg_label_seq_id 
_struct_conf.pdbx_beg_PDB_ins_code 
_struct_conf.end_label_comp_id 
_struct_conf.end_label_asym_id 
_struct_conf.end_label_seq_id 
_struct_conf.pdbx_end_PDB_ins_code 
_struct_conf.beg_auth_comp_id 
_struct_conf.beg_auth_asym_id 
_struct_conf.beg_auth_seq_id 
_struct_conf.end_auth_comp_id 
_struct_conf.end_auth_asym_id 
_struct_conf.end_auth_seq_id 
_struct_conf.pdbx_PDB_helix_class 
_struct_conf.details 
_struct_conf.pdbx_PDB_helix_length 
HELX_P HELX_P1 1 THR A 2  ? GLN A 19 ? THR A 2  GLN A 19 1 ? 18 
HELX_P HELX_P2 2 GLU A 21 ? VAL A 25 ? GLU A 21 VAL A 25 5 ? 5  
HELX_P HELX_P3 3 ASP A 38 ? GLY A 54 ? ASP A 38 GLY A 54 1 ? 17 
HELX_P HELX_P4 4 SER A 58 ? ILE A 65 ? SER A 58 ILE A 65 1 ? 8  
HELX_P HELX_P5 5 THR A 67 ? GLY A 80 ? THR A 67 GLY A 80 1 ? 14 
# 
_struct_conf_type.id          HELX_P 
_struct_conf_type.criteria    ? 
_struct_conf_type.reference   ? 
# 
_atom_sites.entry_id                    1X3O 
_atom_sites.fract_transf_matrix[1][1]   0.00085041 
_atom_sites.fract_transf_matrix[1][2]   -0.00669330 
_atom_sites.fract_transf_matrix[1][3]   0.00831749 
_atom_sites.fract_transf_matrix[2][1]   0.01060359 
_atom_sites.fract_transf_matrix[2][2]   0.00150089 
_atom_sites.fract_transf_matrix[2][3]   0.00012366 
_atom_sites.fract_transf_matrix[3][1]   -0.00445535 
_atom_sites.fract_transf_matrix[3][2]   0.02948417 
_atom_sites.fract_transf_matrix[3][3]   0.02418221 
_atom_sites.fract_transf_vector[1]      0.365786 
_atom_sites.fract_transf_vector[2]      0.155176 
_atom_sites.fract_transf_vector[3]      0.034056 
# 
loop_
_atom_type.symbol 
C 
N 
O 
S 
# 
loop_
_atom_site.group_PDB 
_atom_site.id 
_atom_site.type_symbol 
_atom_site.label_atom_id 
_atom_site.label_alt_id 
_atom_site.label_comp_id 
_atom_site.label_asym_id 
_atom_site.label_entity_id 
_atom_site.label_seq_id 
_atom_site.pdbx_PDB_ins_code 
_atom_site.Cartn_x 
_atom_site.Cartn_y 
_atom_site.Cartn_z 
_atom_site.occupancy 
_atom_site.B_iso_or_equiv 
_atom_site.pdbx_formal_charge 
_atom_site.auth_seq_id 
_atom_site.auth_comp_id 
_atom_site.auth_asym_id 
_atom_site.auth_atom_id 
_atom_site.pdbx_PDB_model_num 
ATOM   1   N N   . MET A 1 1  ? 8.934   13.572  -2.779  1.00 23.45 ? 1   MET A N   1 
ATOM   2   C CA  . MET A 1 1  ? 7.557   13.536  -2.204  1.00 22.42 ? 1   MET A CA  1 
ATOM   3   C C   . MET A 1 1  ? 7.562   13.553  -0.686  1.00 19.87 ? 1   MET A C   1 
ATOM   4   O O   . MET A 1 1  ? 8.432   12.958  -0.052  1.00 22.99 ? 1   MET A O   1 
ATOM   5   C CB  . MET A 1 1  ? 6.817   12.277  -2.666  1.00 22.20 ? 1   MET A CB  1 
ATOM   6   C CG  A MET A 1 1  ? 6.402   12.329  -4.132  0.50 26.01 ? 1   MET A CG  1 
ATOM   7   C CG  B MET A 1 1  ? 5.731   12.488  -3.693  0.50 22.87 ? 1   MET A CG  1 
ATOM   8   S SD  A MET A 1 1  ? 5.488   10.874  -4.671  0.50 29.98 ? 1   MET A SD  1 
ATOM   9   S SD  B MET A 1 1  ? 4.755   10.974  -3.854  0.50 23.02 ? 1   MET A SD  1 
ATOM   10  C CE  A MET A 1 1  ? 3.945   11.126  -3.815  0.50 29.03 ? 1   MET A CE  1 
ATOM   11  C CE  B MET A 1 1  ? 5.754   10.048  -5.027  0.50 23.99 ? 1   MET A CE  1 
ATOM   12  N N   . THR A 1 2  ? 6.583   14.240  -0.105  1.00 21.01 ? 2   THR A N   1 
ATOM   13  C CA  . THR A 1 2  ? 6.461   14.290  1.345   1.00 20.71 ? 2   THR A CA  1 
ATOM   14  C C   . THR A 1 2  ? 5.765   12.999  1.752   1.00 21.29 ? 2   THR A C   1 
ATOM   15  O O   . THR A 1 2  ? 5.112   12.360  0.924   1.00 21.95 ? 2   THR A O   1 
ATOM   16  C CB  . THR A 1 2  ? 5.569   15.449  1.816   1.00 19.09 ? 2   THR A CB  1 
ATOM   17  O OG1 . THR A 1 2  ? 4.252   15.285  1.283   1.00 18.60 ? 2   THR A OG1 1 
ATOM   18  C CG2 . THR A 1 2  ? 6.134   16.785  1.346   1.00 18.56 ? 2   THR A CG2 1 
ATOM   19  N N   . GLU A 1 3  ? 5.900   12.625  3.019   1.00 22.20 ? 3   GLU A N   1 
ATOM   20  C CA  . GLU A 1 3  ? 5.264   11.396  3.503   1.00 22.86 ? 3   GLU A CA  1 
ATOM   21  C C   . GLU A 1 3  ? 3.741   11.476  3.355   1.00 22.55 ? 3   GLU A C   1 
ATOM   22  O O   . GLU A 1 3  ? 3.047   10.500  3.110   1.00 21.33 ? 3   GLU A O   1 
ATOM   23  C CB  . GLU A 1 3  ? 5.635   11.193  4.979   1.00 24.04 ? 3   GLU A CB  1 
ATOM   24  C CG  . GLU A 1 3  ? 4.920   9.986   5.603   1.00 28.89 ? 3   GLU A CG  1 
ATOM   25  C CD  . GLU A 1 3  ? 5.561   9.615   6.926   1.00 33.82 ? 3   GLU A CD  1 
ATOM   26  O OE1 . GLU A 1 3  ? 5.837   10.510  7.716   1.00 36.30 ? 3   GLU A OE1 1 
ATOM   27  O OE2 . GLU A 1 3  ? 5.733   8.422   7.178   1.00 37.12 ? 3   GLU A OE2 1 
ATOM   28  N N   . GLN A 1 4  ? 3.235   12.706  3.543   1.00 21.80 ? 4   GLN A N   1 
ATOM   29  C CA  . GLN A 1 4  ? 1.807   12.968  3.408   1.00 22.81 ? 4   GLN A CA  1 
ATOM   30  C C   . GLN A 1 4  ? 1.321   12.675  1.990   1.00 20.74 ? 4   GLN A C   1 
ATOM   31  O O   . GLN A 1 4  ? 0.281   12.068  1.765   1.00 22.49 ? 4   GLN A O   1 
ATOM   32  C CB  . GLN A 1 4  ? 1.555   14.436  3.748   1.00 27.28 ? 4   GLN A CB  1 
ATOM   33  C CG  . GLN A 1 4  ? 0.118   14.866  3.452   1.00 32.50 ? 4   GLN A CG  1 
ATOM   34  C CD  . GLN A 1 4  ? -0.023  16.351  3.693   1.00 35.89 ? 4   GLN A CD  1 
ATOM   35  O OE1 . GLN A 1 4  ? 0.900   17.054  4.068   1.00 39.38 ? 4   GLN A OE1 1 
ATOM   36  N NE2 . GLN A 1 4  ? -1.266  16.822  3.468   1.00 38.75 ? 4   GLN A NE2 1 
ATOM   37  N N   . GLU A 1 5  ? 2.098   13.168  1.012   1.00 19.70 ? 5   GLU A N   1 
ATOM   38  C CA  . GLU A 1 5  ? 1.692   12.929  -0.367  1.00 20.58 ? 5   GLU A CA  1 
ATOM   39  C C   . GLU A 1 5  ? 1.792   11.448  -0.733  1.00 18.36 ? 5   GLU A C   1 
ATOM   40  O O   . GLU A 1 5  ? 0.991   10.912  -1.487  1.00 19.92 ? 5   GLU A O   1 
ATOM   41  C CB  . GLU A 1 5  ? 2.599   13.756  -1.280  1.00 23.59 ? 5   GLU A CB  1 
ATOM   42  C CG  . GLU A 1 5  ? 2.528   15.252  -0.974  1.00 28.02 ? 5   GLU A CG  1 
ATOM   43  C CD  . GLU A 1 5  ? 3.654   15.964  -1.689  1.00 30.35 ? 5   GLU A CD  1 
ATOM   44  O OE1 . GLU A 1 5  ? 4.681   15.344  -1.929  1.00 30.72 ? 5   GLU A OE1 1 
ATOM   45  O OE2 . GLU A 1 5  ? 3.493   17.144  -2.000  1.00 32.21 ? 5   GLU A OE2 1 
ATOM   46  N N   . ILE A 1 6  ? 2.807   10.757  -0.179  1.00 17.44 ? 6   ILE A N   1 
ATOM   47  C CA  . ILE A 1 6  ? 2.884   9.317   -0.394  1.00 16.05 ? 6   ILE A CA  1 
ATOM   48  C C   . ILE A 1 6  ? 1.675   8.596   0.214   1.00 17.71 ? 6   ILE A C   1 
ATOM   49  O O   . ILE A 1 6  ? 1.069   7.726   -0.396  1.00 17.90 ? 6   ILE A O   1 
ATOM   50  C CB  . ILE A 1 6  ? 4.168   8.801   0.256   1.00 17.38 ? 6   ILE A CB  1 
ATOM   51  C CG1 . ILE A 1 6  ? 5.397   9.312   -0.500  1.00 18.58 ? 6   ILE A CG1 1 
ATOM   52  C CG2 . ILE A 1 6  ? 4.195   7.262   0.215   1.00 16.80 ? 6   ILE A CG2 1 
ATOM   53  C CD1 . ILE A 1 6  ? 6.700   8.969   0.223   1.00 20.75 ? 6   ILE A CD1 1 
ATOM   54  N N   . PHE A 1 7  ? 1.309   8.984   1.434   1.00 17.16 ? 7   PHE A N   1 
ATOM   55  C CA  . PHE A 1 7  ? 0.145   8.399   2.098   1.00 17.00 ? 7   PHE A CA  1 
ATOM   56  C C   . PHE A 1 7  ? -1.105  8.582   1.242   1.00 18.76 ? 7   PHE A C   1 
ATOM   57  O O   . PHE A 1 7  ? -1.871  7.639   1.032   1.00 17.60 ? 7   PHE A O   1 
ATOM   58  C CB  . PHE A 1 7  ? -0.083  9.059   3.459   1.00 18.09 ? 7   PHE A CB  1 
ATOM   59  C CG  . PHE A 1 7  ? -1.353  8.619   4.137   1.00 17.77 ? 7   PHE A CG  1 
ATOM   60  C CD1 . PHE A 1 7  ? -1.462  7.337   4.662   1.00 19.50 ? 7   PHE A CD1 1 
ATOM   61  C CD2 . PHE A 1 7  ? -2.446  9.475   4.229   1.00 18.76 ? 7   PHE A CD2 1 
ATOM   62  C CE1 . PHE A 1 7  ? -2.646  6.909   5.269   1.00 20.40 ? 7   PHE A CE1 1 
ATOM   63  C CE2 . PHE A 1 7  ? -3.637  9.057   4.835   1.00 21.58 ? 7   PHE A CE2 1 
ATOM   64  C CZ  . PHE A 1 7  ? -3.733  7.770   5.356   1.00 20.37 ? 7   PHE A CZ  1 
ATOM   65  N N   . GLU A 1 8  ? -1.323  9.796   0.747   1.00 18.57 ? 8   GLU A N   1 
ATOM   66  C CA  . GLU A 1 8  ? -2.499  10.040  -0.076  1.00 20.41 ? 8   GLU A CA  1 
ATOM   67  C C   . GLU A 1 8  ? -2.540  9.132   -1.304  1.00 19.70 ? 8   GLU A C   1 
ATOM   68  O O   . GLU A 1 8  ? -3.593  8.597   -1.640  1.00 21.67 ? 8   GLU A O   1 
ATOM   69  C CB  . GLU A 1 8  ? -2.555  11.506  -0.508  1.00 22.20 ? 8   GLU A CB  1 
ATOM   70  C CG  . GLU A 1 8  ? -2.842  12.467  0.630   1.00 25.86 ? 8   GLU A CG  1 
ATOM   71  C CD  . GLU A 1 8  ? -4.202  12.228  1.261   1.00 30.33 ? 8   GLU A CD  1 
ATOM   72  O OE1 . GLU A 1 8  ? -5.204  12.167  0.516   1.00 34.88 ? 8   GLU A OE1 1 
ATOM   73  O OE2 . GLU A 1 8  ? -4.272  12.105  2.500   1.00 33.45 ? 8   GLU A OE2 1 
ATOM   74  N N   . LYS A 1 9  ? -1.397  8.950   -1.963  1.00 18.77 ? 9   LYS A N   1 
ATOM   75  C CA  . LYS A 1 9  ? -1.350  8.098   -3.148  1.00 18.20 ? 9   LYS A CA  1 
ATOM   76  C C   . LYS A 1 9  ? -1.519  6.625   -2.781  1.00 16.04 ? 9   LYS A C   1 
ATOM   77  O O   . LYS A 1 9  ? -2.202  5.881   -3.488  1.00 16.65 ? 9   LYS A O   1 
ATOM   78  C CB  . LYS A 1 9  ? -0.045  8.319   -3.915  1.00 19.61 ? 9   LYS A CB  1 
ATOM   79  C CG  . LYS A 1 9  ? 0.039   9.694   -4.578  1.00 23.53 ? 9   LYS A CG  1 
ATOM   80  C CD  . LYS A 1 9  ? 1.305   9.830   -5.401  1.00 26.25 ? 9   LYS A CD  1 
ATOM   81  C CE  . LYS A 1 9  ? 1.418   11.206  -6.038  1.00 28.95 ? 9   LYS A CE  1 
ATOM   82  N NZ  . LYS A 1 9  ? 0.319   11.465  -7.001  1.00 31.30 ? 9   LYS A NZ  1 
ATOM   83  N N   . VAL A 1 10 ? -0.902  6.209   -1.678  1.00 14.97 ? 10  VAL A N   1 
ATOM   84  C CA  . VAL A 1 10 ? -1.035  4.823   -1.226  1.00 14.50 ? 10  VAL A CA  1 
ATOM   85  C C   . VAL A 1 10 ? -2.502  4.542   -0.907  1.00 16.13 ? 10  VAL A C   1 
ATOM   86  O O   . VAL A 1 10 ? -3.046  3.507   -1.293  1.00 15.83 ? 10  VAL A O   1 
ATOM   87  C CB  . VAL A 1 10 ? -0.188  4.548   0.038   1.00 13.60 ? 10  VAL A CB  1 
ATOM   88  C CG1 . VAL A 1 10 ? -0.621  3.227   0.683   1.00 14.60 ? 10  VAL A CG1 1 
ATOM   89  C CG2 . VAL A 1 10 ? 1.288   4.477   -0.323  1.00 14.77 ? 10  VAL A CG2 1 
ATOM   90  N N   . LYS A 1 11 ? -3.137  5.474   -0.207  1.00 16.44 ? 11  LYS A N   1 
ATOM   91  C CA  . LYS A 1 11 ? -4.541  5.351   0.179   1.00 18.24 ? 11  LYS A CA  1 
ATOM   92  C C   . LYS A 1 11 ? -5.408  5.154   -1.071  1.00 17.78 ? 11  LYS A C   1 
ATOM   93  O O   . LYS A 1 11 ? -6.287  4.296   -1.110  1.00 19.69 ? 11  LYS A O   1 
ATOM   94  C CB  . LYS A 1 11 ? -4.958  6.623   0.928   1.00 20.89 ? 11  LYS A CB  1 
ATOM   95  C CG  . LYS A 1 11 ? -6.333  6.615   1.573   1.00 25.82 ? 11  LYS A CG  1 
ATOM   96  C CD  . LYS A 1 11 ? -6.619  8.003   2.156   1.00 28.47 ? 11  LYS A CD  1 
ATOM   97  C CE  . LYS A 1 11 ? -7.963  8.094   2.879   1.00 29.93 ? 11  LYS A CE  1 
ATOM   98  N NZ  . LYS A 1 11 ? -7.907  7.712   4.325   1.00 30.90 ? 11  LYS A NZ  1 
ATOM   99  N N   . ALA A 1 12 ? -5.147  5.946   -2.104  1.00 17.67 ? 12  ALA A N   1 
ATOM   100 C CA  . ALA A 1 12 ? -5.907  5.849   -3.341  1.00 19.33 ? 12  ALA A CA  1 
ATOM   101 C C   . ALA A 1 12 ? -5.731  4.473   -3.979  1.00 18.95 ? 12  ALA A C   1 
ATOM   102 O O   . ALA A 1 12 ? -6.700  3.865   -4.448  1.00 20.01 ? 12  ALA A O   1 
ATOM   103 C CB  . ALA A 1 12 ? -5.459  6.946   -4.315  1.00 20.09 ? 12  ALA A CB  1 
ATOM   104 N N   . VAL A 1 13 ? -4.496  3.980   -3.993  1.00 17.49 ? 13  VAL A N   1 
ATOM   105 C CA  . VAL A 1 13 ? -4.211  2.668   -4.574  1.00 17.60 ? 13  VAL A CA  1 
ATOM   106 C C   . VAL A 1 13 ? -4.939  1.561   -3.812  1.00 17.34 ? 13  VAL A C   1 
ATOM   107 O O   . VAL A 1 13 ? -5.546  0.673   -4.413  1.00 18.31 ? 13  VAL A O   1 
ATOM   108 C CB  . VAL A 1 13 ? -2.694  2.357   -4.554  1.00 18.76 ? 13  VAL A CB  1 
ATOM   109 C CG1 . VAL A 1 13 ? -2.455  0.908   -4.958  1.00 20.76 ? 13  VAL A CG1 1 
ATOM   110 C CG2 . VAL A 1 13 ? -1.956  3.297   -5.509  1.00 19.44 ? 13  VAL A CG2 1 
ATOM   111 N N   . ILE A 1 14 ? -4.873  1.621   -2.489  1.00 16.08 ? 14  ILE A N   1 
ATOM   112 C CA  . ILE A 1 14 ? -5.517  0.609   -1.661  1.00 16.38 ? 14  ILE A CA  1 
ATOM   113 C C   . ILE A 1 14 ? -7.029  0.629   -1.828  1.00 18.63 ? 14  ILE A C   1 
ATOM   114 O O   . ILE A 1 14 ? -7.660  -0.425  -1.951  1.00 17.34 ? 14  ILE A O   1 
ATOM   115 C CB  . ILE A 1 14 ? -5.158  0.812   -0.175  1.00 15.49 ? 14  ILE A CB  1 
ATOM   116 C CG1 . ILE A 1 14 ? -3.661  0.582   0.024   1.00 18.84 ? 14  ILE A CG1 1 
ATOM   117 C CG2 . ILE A 1 14 ? -5.963  -0.152  0.703   1.00 19.33 ? 14  ILE A CG2 1 
ATOM   118 C CD1 . ILE A 1 14 ? -3.175  0.911   1.416   1.00 22.33 ? 14  ILE A CD1 1 
ATOM   119 N N   . ALA A 1 15 ? -7.615  1.821   -1.831  1.00 19.37 ? 15  ALA A N   1 
ATOM   120 C CA  . ALA A 1 15 ? -9.059  1.956   -1.983  1.00 20.82 ? 15  ALA A CA  1 
ATOM   121 C C   . ALA A 1 15 ? -9.512  1.288   -3.269  1.00 22.01 ? 15  ALA A C   1 
ATOM   122 O O   . ALA A 1 15 ? -10.504 0.558   -3.292  1.00 22.33 ? 15  ALA A O   1 
ATOM   123 C CB  . ALA A 1 15 ? -9.448  3.435   -1.997  1.00 21.28 ? 15  ALA A CB  1 
ATOM   124 N N   . ASP A 1 16 ? -8.765  1.542   -4.337  1.00 21.10 ? 16  ASP A N   1 
ATOM   125 C CA  . ASP A 1 16 ? -9.056  0.993   -5.650  1.00 23.31 ? 16  ASP A CA  1 
ATOM   126 C C   . ASP A 1 16 ? -8.905  -0.524  -5.717  1.00 23.33 ? 16  ASP A C   1 
ATOM   127 O O   . ASP A 1 16 ? -9.862  -1.236  -6.020  1.00 24.13 ? 16  ASP A O   1 
ATOM   128 C CB  . ASP A 1 16 ? -8.140  1.657   -6.684  1.00 27.03 ? 16  ASP A CB  1 
ATOM   129 C CG  . ASP A 1 16 ? -8.235  1.013   -8.047  1.00 30.98 ? 16  ASP A CG  1 
ATOM   130 O OD1 . ASP A 1 16 ? -9.367  0.849   -8.549  1.00 34.77 ? 16  ASP A OD1 1 
ATOM   131 O OD2 . ASP A 1 16 ? -7.177  0.678   -8.621  1.00 34.57 ? 16  ASP A OD2 1 
ATOM   132 N N   . LYS A 1 17 ? -7.707  -1.014  -5.412  1.00 20.78 ? 17  LYS A N   1 
ATOM   133 C CA  . LYS A 1 17 ? -7.416  -2.439  -5.477  1.00 19.60 ? 17  LYS A CA  1 
ATOM   134 C C   . LYS A 1 17 ? -8.202  -3.307  -4.497  1.00 18.53 ? 17  LYS A C   1 
ATOM   135 O O   . LYS A 1 17 ? -8.609  -4.419  -4.844  1.00 19.28 ? 17  LYS A O   1 
ATOM   136 C CB  . LYS A 1 17 ? -5.914  -2.667  -5.283  1.00 18.87 ? 17  LYS A CB  1 
ATOM   137 C CG  . LYS A 1 17 ? -5.046  -2.031  -6.373  1.00 21.14 ? 17  LYS A CG  1 
ATOM   138 C CD  . LYS A 1 17 ? -5.255  -2.731  -7.704  1.00 24.55 ? 17  LYS A CD  1 
ATOM   139 C CE  . LYS A 1 17 ? -4.491  -2.053  -8.828  1.00 27.59 ? 17  LYS A CE  1 
ATOM   140 N NZ  . LYS A 1 17 ? -5.094  -0.747  -9.201  1.00 31.88 ? 17  LYS A NZ  1 
ATOM   141 N N   . LEU A 1 18 ? -8.417  -2.816  -3.280  1.00 16.78 ? 18  LEU A N   1 
ATOM   142 C CA  . LEU A 1 18 ? -9.159  -3.595  -2.294  1.00 16.72 ? 18  LEU A CA  1 
ATOM   143 C C   . LEU A 1 18 ? -10.641 -3.254  -2.254  1.00 16.45 ? 18  LEU A C   1 
ATOM   144 O O   . LEU A 1 18 ? -11.401 -3.861  -1.493  1.00 15.94 ? 18  LEU A O   1 
ATOM   145 C CB  . LEU A 1 18 ? -8.552  -3.419  -0.899  1.00 16.51 ? 18  LEU A CB  1 
ATOM   146 C CG  . LEU A 1 18 ? -7.336  -4.284  -0.530  1.00 17.81 ? 18  LEU A CG  1 
ATOM   147 C CD1 . LEU A 1 18 ? -6.255  -4.203  -1.599  1.00 23.33 ? 18  LEU A CD1 1 
ATOM   148 C CD2 . LEU A 1 18 ? -6.818  -3.833  0.835   1.00 17.36 ? 18  LEU A CD2 1 
ATOM   149 N N   . GLN A 1 19 ? -11.058 -2.296  -3.074  1.00 17.27 ? 19  GLN A N   1 
ATOM   150 C CA  . GLN A 1 19 ? -12.455 -1.881  -3.126  1.00 18.14 ? 19  GLN A CA  1 
ATOM   151 C C   . GLN A 1 19 ? -13.020 -1.498  -1.764  1.00 18.15 ? 19  GLN A C   1 
ATOM   152 O O   . GLN A 1 19 ? -14.065 -1.996  -1.342  1.00 17.34 ? 19  GLN A O   1 
ATOM   153 C CB  . GLN A 1 19 ? -13.318 -2.980  -3.753  1.00 22.14 ? 19  GLN A CB  1 
ATOM   154 C CG  . GLN A 1 19 ? -13.309 -2.992  -5.271  1.00 28.91 ? 19  GLN A CG  1 
ATOM   155 C CD  . GLN A 1 19 ? -13.982 -1.766  -5.870  1.00 33.44 ? 19  GLN A CD  1 
ATOM   156 O OE1 . GLN A 1 19 ? -13.516 -0.637  -5.697  1.00 36.51 ? 19  GLN A OE1 1 
ATOM   157 N NE2 . GLN A 1 19 ? -15.087 -1.983  -6.579  1.00 34.81 ? 19  GLN A NE2 1 
ATOM   158 N N   . VAL A 1 20 ? -12.310 -0.622  -1.067  1.00 17.23 ? 20  VAL A N   1 
ATOM   159 C CA  . VAL A 1 20 ? -12.765 -0.142  0.230   1.00 18.30 ? 20  VAL A CA  1 
ATOM   160 C C   . VAL A 1 20 ? -12.818 1.377   0.160   1.00 21.15 ? 20  VAL A C   1 
ATOM   161 O O   . VAL A 1 20 ? -12.114 1.993   -0.643  1.00 21.04 ? 20  VAL A O   1 
ATOM   162 C CB  . VAL A 1 20 ? -11.817 -0.574  1.371   1.00 18.56 ? 20  VAL A CB  1 
ATOM   163 C CG1 . VAL A 1 20 ? -11.893 -2.086  1.560   1.00 17.25 ? 20  VAL A CG1 1 
ATOM   164 C CG2 . VAL A 1 20 ? -10.397 -0.156  1.061   1.00 18.22 ? 20  VAL A CG2 1 
ATOM   165 N N   . GLU A 1 21 ? -13.672 1.978   0.978   1.00 23.52 ? 21  GLU A N   1 
ATOM   166 C CA  . GLU A 1 21 ? -13.790 3.430   0.993   1.00 26.57 ? 21  GLU A CA  1 
ATOM   167 C C   . GLU A 1 21 ? -12.493 4.043   1.510   1.00 27.72 ? 21  GLU A C   1 
ATOM   168 O O   . GLU A 1 21 ? -11.886 3.529   2.446   1.00 27.13 ? 21  GLU A O   1 
ATOM   169 C CB  . GLU A 1 21 ? -14.962 3.857   1.878   1.00 29.39 ? 21  GLU A CB  1 
ATOM   170 C CG  . GLU A 1 21 ? -16.331 3.591   1.264   1.00 32.86 ? 21  GLU A CG  1 
ATOM   171 C CD  . GLU A 1 21 ? -16.531 4.337   -0.045  1.00 36.02 ? 21  GLU A CD  1 
ATOM   172 O OE1 . GLU A 1 21 ? -16.278 5.559   -0.076  1.00 37.84 ? 21  GLU A OE1 1 
ATOM   173 O OE2 . GLU A 1 21 ? -16.949 3.707   -1.042  1.00 38.40 ? 21  GLU A OE2 1 
ATOM   174 N N   . PRO A 1 22 ? -12.045 5.147   0.894   1.00 28.82 ? 22  PRO A N   1 
ATOM   175 C CA  . PRO A 1 22 ? -10.810 5.814   1.314   1.00 29.98 ? 22  PRO A CA  1 
ATOM   176 C C   . PRO A 1 22 ? -10.757 6.059   2.822   1.00 30.83 ? 22  PRO A C   1 
ATOM   177 O O   . PRO A 1 22 ? -9.692  5.986   3.431   1.00 29.84 ? 22  PRO A O   1 
ATOM   178 C CB  . PRO A 1 22 ? -10.840 7.112   0.512   1.00 30.07 ? 22  PRO A CB  1 
ATOM   179 C CG  . PRO A 1 22 ? -11.484 6.680   -0.766  1.00 30.49 ? 22  PRO A CG  1 
ATOM   180 C CD  . PRO A 1 22 ? -12.637 5.826   -0.273  1.00 29.66 ? 22  PRO A CD  1 
ATOM   181 N N   . GLU A 1 23 ? -11.918 6.329   3.416   1.00 31.67 ? 23  GLU A N   1 
ATOM   182 C CA  . GLU A 1 23 ? -12.029 6.596   4.848   1.00 33.92 ? 23  GLU A CA  1 
ATOM   183 C C   . GLU A 1 23 ? -11.551 5.456   5.747   1.00 33.45 ? 23  GLU A C   1 
ATOM   184 O O   . GLU A 1 23 ? -11.127 5.692   6.878   1.00 35.11 ? 23  GLU A O   1 
ATOM   185 C CB  . GLU A 1 23 ? -13.479 6.934   5.215   1.00 36.33 ? 23  GLU A CB  1 
ATOM   186 C CG  . GLU A 1 23 ? -14.080 8.128   4.480   1.00 39.73 ? 23  GLU A CG  1 
ATOM   187 C CD  . GLU A 1 23 ? -14.631 7.773   3.106   1.00 41.37 ? 23  GLU A CD  1 
ATOM   188 O OE1 . GLU A 1 23 ? -13.837 7.480   2.187   1.00 40.77 ? 23  GLU A OE1 1 
ATOM   189 O OE2 . GLU A 1 23 ? -15.872 7.788   2.948   1.00 43.43 ? 23  GLU A OE2 1 
ATOM   190 N N   . LYS A 1 24 ? -11.629 4.222   5.258   1.00 31.69 ? 24  LYS A N   1 
ATOM   191 C CA  . LYS A 1 24 ? -11.205 3.072   6.049   1.00 31.25 ? 24  LYS A CA  1 
ATOM   192 C C   . LYS A 1 24 ? -9.703  2.824   5.977   1.00 28.62 ? 24  LYS A C   1 
ATOM   193 O O   . LYS A 1 24 ? -9.156  2.045   6.761   1.00 28.01 ? 24  LYS A O   1 
ATOM   194 C CB  . LYS A 1 24 ? -11.941 1.811   5.590   1.00 32.31 ? 24  LYS A CB  1 
ATOM   195 C CG  . LYS A 1 24 ? -13.425 1.804   5.904   1.00 35.23 ? 24  LYS A CG  1 
ATOM   196 C CD  . LYS A 1 24 ? -14.086 0.486   5.506   1.00 38.82 ? 24  LYS A CD  1 
ATOM   197 C CE  . LYS A 1 24 ? -13.596 -0.691  6.350   1.00 40.64 ? 24  LYS A CE  1 
ATOM   198 N NZ  . LYS A 1 24 ? -12.156 -1.008  6.125   1.00 43.21 ? 24  LYS A NZ  1 
ATOM   199 N N   . VAL A 1 25 ? -9.037  3.492   5.043   1.00 27.54 ? 25  VAL A N   1 
ATOM   200 C CA  . VAL A 1 25 ? -7.603  3.304   4.870   1.00 26.54 ? 25  VAL A CA  1 
ATOM   201 C C   . VAL A 1 25 ? -6.773  4.225   5.756   1.00 26.36 ? 25  VAL A C   1 
ATOM   202 O O   . VAL A 1 25 ? -6.161  5.180   5.272   1.00 29.29 ? 25  VAL A O   1 
ATOM   203 C CB  . VAL A 1 25 ? -7.197  3.512   3.395   1.00 26.71 ? 25  VAL A CB  1 
ATOM   204 C CG1 . VAL A 1 25 ? -5.734  3.140   3.198   1.00 26.73 ? 25  VAL A CG1 1 
ATOM   205 C CG2 . VAL A 1 25 ? -8.083  2.667   2.493   1.00 27.12 ? 25  VAL A CG2 1 
ATOM   206 N N   . THR A 1 26 ? -6.748  3.915   7.051   1.00 23.56 ? 26  THR A N   1 
ATOM   207 C CA  . THR A 1 26 ? -5.998  4.690   8.030   1.00 21.77 ? 26  THR A CA  1 
ATOM   208 C C   . THR A 1 26 ? -4.524  4.278   8.028   1.00 19.52 ? 26  THR A C   1 
ATOM   209 O O   . THR A 1 26 ? -4.142  3.273   7.426   1.00 17.28 ? 26  THR A O   1 
ATOM   210 C CB  . THR A 1 26 ? -6.577  4.508   9.452   1.00 23.56 ? 26  THR A CB  1 
ATOM   211 O OG1 . THR A 1 26 ? -6.496  3.129   9.834   1.00 24.63 ? 26  THR A OG1 1 
ATOM   212 C CG2 . THR A 1 26 ? -8.035  4.955   9.496   1.00 24.41 ? 26  THR A CG2 1 
ATOM   213 N N   . LEU A 1 27 ? -3.700  5.055   8.717   1.00 19.92 ? 27  LEU A N   1 
ATOM   214 C CA  . LEU A 1 27 ? -2.273  4.791   8.756   1.00 18.92 ? 27  LEU A CA  1 
ATOM   215 C C   . LEU A 1 27 ? -1.876  3.425   9.318   1.00 18.92 ? 27  LEU A C   1 
ATOM   216 O O   . LEU A 1 27 ? -0.971  2.776   8.788   1.00 18.66 ? 27  LEU A O   1 
ATOM   217 C CB  . LEU A 1 27 ? -1.575  5.899   9.543   1.00 20.17 ? 27  LEU A CB  1 
ATOM   218 C CG  . LEU A 1 27 ? -0.045  5.887   9.528   1.00 22.35 ? 27  LEU A CG  1 
ATOM   219 C CD1 . LEU A 1 27 ? 0.467   5.977   8.099   1.00 21.60 ? 27  LEU A CD1 1 
ATOM   220 C CD2 . LEU A 1 27 ? 0.465   7.047   10.359  1.00 23.04 ? 27  LEU A CD2 1 
ATOM   221 N N   . GLU A 1 28 ? -2.554  2.979   10.370  1.00 17.77 ? 28  GLU A N   1 
ATOM   222 C CA  . GLU A 1 28 ? -2.215  1.696   10.990  1.00 19.66 ? 28  GLU A CA  1 
ATOM   223 C C   . GLU A 1 28 ? -2.966  0.497   10.419  1.00 17.80 ? 28  GLU A C   1 
ATOM   224 O O   . GLU A 1 28 ? -2.720  -0.632  10.826  1.00 18.51 ? 28  GLU A O   1 
ATOM   225 C CB  . GLU A 1 28 ? -2.478  1.754   12.500  1.00 21.85 ? 28  GLU A CB  1 
ATOM   226 C CG  . GLU A 1 28 ? -1.948  2.996   13.201  1.00 27.25 ? 28  GLU A CG  1 
ATOM   227 C CD  . GLU A 1 28 ? -0.479  3.236   12.936  1.00 32.13 ? 28  GLU A CD  1 
ATOM   228 O OE1 . GLU A 1 28 ? 0.319   2.287   13.092  1.00 34.10 ? 28  GLU A OE1 1 
ATOM   229 O OE2 . GLU A 1 28 ? -0.123  4.381   12.576  1.00 36.29 ? 28  GLU A OE2 1 
ATOM   230 N N   . ALA A 1 29 ? -3.865  0.728   9.468   1.00 15.85 ? 29  ALA A N   1 
ATOM   231 C CA  . ALA A 1 29 ? -4.651  -0.375  8.926   1.00 14.59 ? 29  ALA A CA  1 
ATOM   232 C C   . ALA A 1 29 ? -3.844  -1.532  8.347   1.00 14.73 ? 29  ALA A C   1 
ATOM   233 O O   . ALA A 1 29 ? -2.928  -1.338  7.553   1.00 13.98 ? 29  ALA A O   1 
ATOM   234 C CB  . ALA A 1 29 ? -5.627  0.150   7.883   1.00 15.61 ? 29  ALA A CB  1 
ATOM   235 N N   . ARG A 1 30 ? -4.194  -2.744  8.759   1.00 11.40 ? 30  ARG A N   1 
ATOM   236 C CA  . ARG A 1 30 ? -3.544  -3.957  8.265   1.00 12.36 ? 30  ARG A CA  1 
ATOM   237 C C   . ARG A 1 30 ? -4.353  -4.422  7.050   1.00 13.18 ? 30  ARG A C   1 
ATOM   238 O O   . ARG A 1 30 ? -5.584  -4.522  7.105   1.00 12.10 ? 30  ARG A O   1 
ATOM   239 C CB  . ARG A 1 30 ? -3.554  -5.037  9.351   1.00 12.13 ? 30  ARG A CB  1 
ATOM   240 C CG  . ARG A 1 30 ? -2.702  -4.691  10.560  1.00 12.41 ? 30  ARG A CG  1 
ATOM   241 C CD  . ARG A 1 30 ? -3.106  -5.528  11.772  1.00 13.57 ? 30  ARG A CD  1 
ATOM   242 N NE  . ARG A 1 30 ? -4.447  -5.184  12.233  1.00 12.99 ? 30  ARG A NE  1 
ATOM   243 C CZ  . ARG A 1 30 ? -5.023  -5.699  13.316  1.00 13.32 ? 30  ARG A CZ  1 
ATOM   244 N NH1 . ARG A 1 30 ? -4.371  -6.587  14.061  1.00 15.33 ? 30  ARG A NH1 1 
ATOM   245 N NH2 . ARG A 1 30 ? -6.254  -5.328  13.653  1.00 15.03 ? 30  ARG A NH2 1 
ATOM   246 N N   . PHE A 1 31 ? -3.664  -4.707  5.953   1.00 12.66 ? 31  PHE A N   1 
ATOM   247 C CA  . PHE A 1 31 ? -4.351  -5.118  4.738   1.00 13.73 ? 31  PHE A CA  1 
ATOM   248 C C   . PHE A 1 31 ? -5.265  -6.309  4.955   1.00 11.78 ? 31  PHE A C   1 
ATOM   249 O O   . PHE A 1 31 ? -6.396  -6.328  4.468   1.00 13.70 ? 31  PHE A O   1 
ATOM   250 C CB  . PHE A 1 31 ? -3.342  -5.444  3.633   1.00 14.56 ? 31  PHE A CB  1 
ATOM   251 C CG  . PHE A 1 31 ? -2.366  -4.334  3.348   1.00 17.73 ? 31  PHE A CG  1 
ATOM   252 C CD1 . PHE A 1 31 ? -2.757  -3.000  3.407   1.00 20.87 ? 31  PHE A CD1 1 
ATOM   253 C CD2 . PHE A 1 31 ? -1.056  -4.633  2.998   1.00 23.02 ? 31  PHE A CD2 1 
ATOM   254 C CE1 . PHE A 1 31 ? -1.848  -1.976  3.121   1.00 22.16 ? 31  PHE A CE1 1 
ATOM   255 C CE2 . PHE A 1 31 ? -0.144  -3.619  2.711   1.00 22.38 ? 31  PHE A CE2 1 
ATOM   256 C CZ  . PHE A 1 31 ? -0.544  -2.289  2.773   1.00 22.08 ? 31  PHE A CZ  1 
ATOM   257 N N   . ILE A 1 32 ? -4.773  -7.307  5.680   1.00 12.84 ? 32  ILE A N   1 
ATOM   258 C CA  . ILE A 1 32 ? -5.560  -8.501  5.939   1.00 12.62 ? 32  ILE A CA  1 
ATOM   259 C C   . ILE A 1 32 ? -6.585  -8.349  7.068   1.00 13.14 ? 32  ILE A C   1 
ATOM   260 O O   . ILE A 1 32 ? -7.795  -8.414  6.830   1.00 13.75 ? 32  ILE A O   1 
ATOM   261 C CB  . ILE A 1 32 ? -4.637  -9.696  6.251   1.00 14.39 ? 32  ILE A CB  1 
ATOM   262 C CG1 . ILE A 1 32 ? -3.851  -10.068 4.991   1.00 17.86 ? 32  ILE A CG1 1 
ATOM   263 C CG2 . ILE A 1 32 ? -5.462  -10.884 6.738   1.00 16.05 ? 32  ILE A CG2 1 
ATOM   264 C CD1 . ILE A 1 32 ? -2.780  -11.124 5.220   1.00 20.38 ? 32  ILE A CD1 1 
ATOM   265 N N   . GLU A 1 33 ? -6.105  -8.122  8.285   1.00 13.19 ? 33  GLU A N   1 
ATOM   266 C CA  . GLU A 1 33 ? -6.995  -8.026  9.438   1.00 11.57 ? 33  GLU A CA  1 
ATOM   267 C C   . GLU A 1 33 ? -7.995  -6.893  9.438   1.00 11.31 ? 33  GLU A C   1 
ATOM   268 O O   . GLU A 1 33 ? -9.109  -7.047  9.944   1.00 14.51 ? 33  GLU A O   1 
ATOM   269 C CB  . GLU A 1 33 ? -6.192  -7.962  10.736  1.00 12.59 ? 33  GLU A CB  1 
ATOM   270 C CG  . GLU A 1 33 ? -5.359  -9.212  11.016  1.00 13.47 ? 33  GLU A CG  1 
ATOM   271 C CD  . GLU A 1 33 ? -3.921  -9.098  10.544  1.00 16.23 ? 33  GLU A CD  1 
ATOM   272 O OE1 . GLU A 1 33 ? -3.666  -8.452  9.508   1.00 14.69 ? 33  GLU A OE1 1 
ATOM   273 O OE2 . GLU A 1 33 ? -3.032  -9.668  11.214  1.00 17.03 ? 33  GLU A OE2 1 
ATOM   274 N N   . ASP A 1 34 ? -7.599  -5.748  8.901   1.00 11.79 ? 34  ASP A N   1 
ATOM   275 C CA  . ASP A 1 34 ? -8.487  -4.599  8.879   1.00 11.66 ? 34  ASP A CA  1 
ATOM   276 C C   . ASP A 1 34 ? -9.186  -4.334  7.547   1.00 12.49 ? 34  ASP A C   1 
ATOM   277 O O   . ASP A 1 34 ? -10.350 -3.928  7.540   1.00 16.05 ? 34  ASP A O   1 
ATOM   278 C CB  . ASP A 1 34 ? -7.727  -3.338  9.302   1.00 13.14 ? 34  ASP A CB  1 
ATOM   279 C CG  . ASP A 1 34 ? -7.138  -3.453  10.687  1.00 14.35 ? 34  ASP A CG  1 
ATOM   280 O OD1 . ASP A 1 34 ? -7.867  -3.909  11.597  1.00 15.18 ? 34  ASP A OD1 1 
ATOM   281 O OD2 . ASP A 1 34 ? -5.958  -3.081  10.881  1.00 14.35 ? 34  ASP A OD2 1 
ATOM   282 N N   . LEU A 1 35 ? -8.499  -4.562  6.432   1.00 12.33 ? 35  LEU A N   1 
ATOM   283 C CA  . LEU A 1 35 ? -9.107  -4.280  5.133   1.00 12.53 ? 35  LEU A CA  1 
ATOM   284 C C   . LEU A 1 35 ? -9.598  -5.512  4.369   1.00 13.58 ? 35  LEU A C   1 
ATOM   285 O O   . LEU A 1 35 ? -10.118 -5.390  3.264   1.00 13.91 ? 35  LEU A O   1 
ATOM   286 C CB  . LEU A 1 35 ? -8.132  -3.452  4.286   1.00 14.48 ? 35  LEU A CB  1 
ATOM   287 C CG  . LEU A 1 35 ? -7.628  -2.205  5.038   1.00 14.01 ? 35  LEU A CG  1 
ATOM   288 C CD1 . LEU A 1 35 ? -6.634  -1.430  4.174   1.00 16.36 ? 35  LEU A CD1 1 
ATOM   289 C CD2 . LEU A 1 35 ? -8.806  -1.318  5.433   1.00 16.81 ? 35  LEU A CD2 1 
ATOM   290 N N   . GLY A 1 36 ? -9.424  -6.693  4.960   1.00 13.83 ? 36  GLY A N   1 
ATOM   291 C CA  . GLY A 1 36 ? -9.904  -7.930  4.356   1.00 13.59 ? 36  GLY A CA  1 
ATOM   292 C C   . GLY A 1 36 ? -9.310  -8.386  3.037   1.00 14.21 ? 36  GLY A C   1 
ATOM   293 O O   . GLY A 1 36 ? -9.968  -9.101  2.276   1.00 15.02 ? 36  GLY A O   1 
ATOM   294 N N   . ALA A 1 37 ? -8.065  -8.012  2.764   1.00 13.95 ? 37  ALA A N   1 
ATOM   295 C CA  . ALA A 1 37 ? -7.438  -8.414  1.510   1.00 13.95 ? 37  ALA A CA  1 
ATOM   296 C C   . ALA A 1 37 ? -7.322  -9.927  1.354   1.00 16.23 ? 37  ALA A C   1 
ATOM   297 O O   . ALA A 1 37 ? -6.919  -10.617 2.293   1.00 19.53 ? 37  ALA A O   1 
ATOM   298 C CB  . ALA A 1 37 ? -6.044  -7.782  1.400   1.00 17.36 ? 37  ALA A CB  1 
ATOM   299 N N   . ASP A 1 38 ? -7.696  -10.439 0.184   1.00 16.27 ? 38  ASP A N   1 
ATOM   300 C CA  . ASP A 1 38 ? -7.541  -11.871 -0.088  1.00 18.38 ? 38  ASP A CA  1 
ATOM   301 C C   . ASP A 1 38 ? -6.307  -12.003 -0.993  1.00 19.78 ? 38  ASP A C   1 
ATOM   302 O O   . ASP A 1 38 ? -5.627  -11.007 -1.256  1.00 18.76 ? 38  ASP A O   1 
ATOM   303 C CB  . ASP A 1 38 ? -8.789  -12.473 -0.759  1.00 20.40 ? 38  ASP A CB  1 
ATOM   304 C CG  . ASP A 1 38 ? -9.139  -11.820 -2.077  1.00 21.15 ? 38  ASP A CG  1 
ATOM   305 O OD1 . ASP A 1 38 ? -8.257  -11.180 -2.693  1.00 21.17 ? 38  ASP A OD1 1 
ATOM   306 O OD2 . ASP A 1 38 ? -10.305 -11.965 -2.518  1.00 22.78 ? 38  ASP A OD2 1 
ATOM   307 N N   . SER A 1 39 ? -6.013  -13.211 -1.471  1.00 19.78 ? 39  SER A N   1 
ATOM   308 C CA  . SER A 1 39 ? -4.832  -13.426 -2.313  1.00 21.39 ? 39  SER A CA  1 
ATOM   309 C C   . SER A 1 39 ? -4.751  -12.545 -3.558  1.00 20.33 ? 39  SER A C   1 
ATOM   310 O O   . SER A 1 39 ? -3.703  -11.950 -3.836  1.00 22.22 ? 39  SER A O   1 
ATOM   311 C CB  . SER A 1 39 ? -4.737  -14.903 -2.712  1.00 22.59 ? 39  SER A CB  1 
ATOM   312 O OG  . SER A 1 39 ? -4.556  -15.710 -1.563  1.00 27.99 ? 39  SER A OG  1 
ATOM   313 N N   . LEU A 1 40 ? -5.844  -12.453 -4.306  1.00 20.56 ? 40  LEU A N   1 
ATOM   314 C CA  . LEU A 1 40 ? -5.861  -11.627 -5.507  1.00 20.94 ? 40  LEU A CA  1 
ATOM   315 C C   . LEU A 1 40 ? -5.614  -10.164 -5.143  1.00 20.94 ? 40  LEU A C   1 
ATOM   316 O O   . LEU A 1 40 ? -4.868  -9.464  -5.826  1.00 21.06 ? 40  LEU A O   1 
ATOM   317 C CB  . LEU A 1 40 ? -7.208  -11.766 -6.229  1.00 23.73 ? 40  LEU A CB  1 
ATOM   318 C CG  . LEU A 1 40 ? -7.418  -10.886 -7.467  1.00 25.38 ? 40  LEU A CG  1 
ATOM   319 C CD1 . LEU A 1 40 ? -6.343  -11.178 -8.502  1.00 25.54 ? 40  LEU A CD1 1 
ATOM   320 C CD2 . LEU A 1 40 ? -8.804  -11.137 -8.052  1.00 25.78 ? 40  LEU A CD2 1 
ATOM   321 N N   . ASP A 1 41 ? -6.227  -9.704  -4.055  1.00 18.83 ? 41  ASP A N   1 
ATOM   322 C CA  . ASP A 1 41 ? -6.063  -8.318  -3.623  1.00 18.52 ? 41  ASP A CA  1 
ATOM   323 C C   . ASP A 1 41 ? -4.633  -7.995  -3.246  1.00 19.88 ? 41  ASP A C   1 
ATOM   324 O O   . ASP A 1 41 ? -4.156  -6.887  -3.490  1.00 17.96 ? 41  ASP A O   1 
ATOM   325 C CB  . ASP A 1 41 ? -6.924  -8.013  -2.401  1.00 17.46 ? 41  ASP A CB  1 
ATOM   326 C CG  . ASP A 1 41 ? -8.394  -8.080  -2.687  1.00 19.00 ? 41  ASP A CG  1 
ATOM   327 O OD1 . ASP A 1 41 ? -8.799  -7.828  -3.839  1.00 22.15 ? 41  ASP A OD1 1 
ATOM   328 O OD2 . ASP A 1 41 ? -9.147  -8.366  -1.734  1.00 17.08 ? 41  ASP A OD2 1 
ATOM   329 N N   . THR A 1 42 ? -3.960  -8.950  -2.621  1.00 18.52 ? 42  THR A N   1 
ATOM   330 C CA  . THR A 1 42 ? -2.588  -8.738  -2.189  1.00 22.44 ? 42  THR A CA  1 
ATOM   331 C C   . THR A 1 42 ? -1.647  -8.459  -3.356  1.00 22.52 ? 42  THR A C   1 
ATOM   332 O O   . THR A 1 42 ? -0.876  -7.502  -3.311  1.00 23.34 ? 42  THR A O   1 
ATOM   333 C CB  . THR A 1 42 ? -2.086  -9.937  -1.379  1.00 23.37 ? 42  THR A CB  1 
ATOM   334 O OG1 . THR A 1 42 ? -2.900  -10.083 -0.207  1.00 26.93 ? 42  THR A OG1 1 
ATOM   335 C CG2 . THR A 1 42 ? -0.636  -9.732  -0.962  1.00 25.32 ? 42  THR A CG2 1 
ATOM   336 N N   . VAL A 1 43 ? -1.715  -9.271  -4.407  1.00 21.72 ? 43  VAL A N   1 
ATOM   337 C CA  . VAL A 1 43 ? -0.840  -9.047  -5.553  1.00 21.66 ? 43  VAL A CA  1 
ATOM   338 C C   . VAL A 1 43 ? -1.270  -7.792  -6.316  1.00 22.50 ? 43  VAL A C   1 
ATOM   339 O O   . VAL A 1 43 ? -0.427  -7.059  -6.838  1.00 21.65 ? 43  VAL A O   1 
ATOM   340 C CB  . VAL A 1 43 ? -0.822  -10.276 -6.512  1.00 23.16 ? 43  VAL A CB  1 
ATOM   341 C CG1 . VAL A 1 43 ? -2.169  -10.446 -7.191  1.00 23.88 ? 43  VAL A CG1 1 
ATOM   342 C CG2 . VAL A 1 43 ? 0.283   -10.110 -7.545  1.00 23.23 ? 43  VAL A CG2 1 
ATOM   343 N N   . GLU A 1 44 ? -2.573  -7.535  -6.379  1.00 20.78 ? 44  GLU A N   1 
ATOM   344 C CA  . GLU A 1 44 ? -3.070  -6.351  -7.076  1.00 21.60 ? 44  GLU A CA  1 
ATOM   345 C C   . GLU A 1 44 ? -2.616  -5.077  -6.352  1.00 21.54 ? 44  GLU A C   1 
ATOM   346 O O   . GLU A 1 44 ? -2.331  -4.059  -6.990  1.00 20.34 ? 44  GLU A O   1 
ATOM   347 C CB  . GLU A 1 44 ? -4.600  -6.374  -7.163  1.00 23.86 ? 44  GLU A CB  1 
ATOM   348 C CG  . GLU A 1 44 ? -5.181  -7.305  -8.225  1.00 26.86 ? 44  GLU A CG  1 
ATOM   349 C CD  . GLU A 1 44 ? -4.921  -6.823  -9.647  1.00 30.99 ? 44  GLU A CD  1 
ATOM   350 O OE1 . GLU A 1 44 ? -5.041  -5.602  -9.904  1.00 31.55 ? 44  GLU A OE1 1 
ATOM   351 O OE2 . GLU A 1 44 ? -4.613  -7.668  -10.514 1.00 32.73 ? 44  GLU A OE2 1 
ATOM   352 N N   . LEU A 1 45 ? -2.549  -5.137  -5.024  1.00 19.29 ? 45  LEU A N   1 
ATOM   353 C CA  . LEU A 1 45 ? -2.132  -3.981  -4.236  1.00 17.79 ? 45  LEU A CA  1 
ATOM   354 C C   . LEU A 1 45 ? -0.650  -3.694  -4.460  1.00 18.85 ? 45  LEU A C   1 
ATOM   355 O O   . LEU A 1 45 ? -0.261  -2.543  -4.672  1.00 18.45 ? 45  LEU A O   1 
ATOM   356 C CB  . LEU A 1 45 ? -2.429  -4.218  -2.746  1.00 17.12 ? 45  LEU A CB  1 
ATOM   357 C CG  A LEU A 1 45 ? -2.187  -3.083  -1.745  0.50 19.51 ? 45  LEU A CG  1 
ATOM   358 C CG  B LEU A 1 45 ? -1.987  -3.136  -1.753  0.50 19.19 ? 45  LEU A CG  1 
ATOM   359 C CD1 A LEU A 1 45 ? -2.968  -3.359  -0.469  0.50 19.71 ? 45  LEU A CD1 1 
ATOM   360 C CD1 B LEU A 1 45 ? -2.472  -1.771  -2.208  0.50 18.67 ? 45  LEU A CD1 1 
ATOM   361 C CD2 A LEU A 1 45 ? -0.701  -2.951  -1.449  0.50 20.54 ? 45  LEU A CD2 1 
ATOM   362 C CD2 B LEU A 1 45 ? -2.529  -3.475  -0.371  0.50 19.79 ? 45  LEU A CD2 1 
ATOM   363 N N   . ILE A 1 46 ? 0.180   -4.735  -4.421  1.00 19.16 ? 46  ILE A N   1 
ATOM   364 C CA  . ILE A 1 46 ? 1.613   -4.553  -4.638  1.00 21.35 ? 46  ILE A CA  1 
ATOM   365 C C   . ILE A 1 46 ? 1.840   -3.986  -6.036  1.00 21.95 ? 46  ILE A C   1 
ATOM   366 O O   . ILE A 1 46 ? 2.582   -3.018  -6.208  1.00 20.97 ? 46  ILE A O   1 
ATOM   367 C CB  . ILE A 1 46 ? 2.389   -5.887  -4.499  1.00 21.88 ? 46  ILE A CB  1 
ATOM   368 C CG1 . ILE A 1 46 ? 2.325   -6.381  -3.051  1.00 21.01 ? 46  ILE A CG1 1 
ATOM   369 C CG2 . ILE A 1 46 ? 3.836   -5.697  -4.932  1.00 21.25 ? 46  ILE A CG2 1 
ATOM   370 C CD1 . ILE A 1 46 ? 2.930   -5.436  -2.024  1.00 21.22 ? 46  ILE A CD1 1 
ATOM   371 N N   . MET A 1 47 ? 1.199   -4.579  -7.039  1.00 22.34 ? 47  MET A N   1 
ATOM   372 C CA  . MET A 1 47 ? 1.350   -4.091  -8.404  1.00 24.10 ? 47  MET A CA  1 
ATOM   373 C C   . MET A 1 47 ? 0.830   -2.666  -8.530  1.00 24.01 ? 47  MET A C   1 
ATOM   374 O O   . MET A 1 47 ? 1.393   -1.856  -9.273  1.00 24.00 ? 47  MET A O   1 
ATOM   375 C CB  . MET A 1 47 ? 0.612   -5.001  -9.391  1.00 25.86 ? 47  MET A CB  1 
ATOM   376 C CG  . MET A 1 47 ? 1.385   -6.249  -9.756  1.00 27.75 ? 47  MET A CG  1 
ATOM   377 S SD  . MET A 1 47 ? 0.548   -7.273  -10.985 1.00 30.98 ? 47  MET A SD  1 
ATOM   378 C CE  . MET A 1 47 ? 0.053   -6.058  -12.185 1.00 29.76 ? 47  MET A CE  1 
ATOM   379 N N   . GLY A 1 48 ? -0.244  -2.362  -7.805  1.00 23.53 ? 48  GLY A N   1 
ATOM   380 C CA  . GLY A 1 48 ? -0.810  -1.027  -7.846  1.00 22.54 ? 48  GLY A CA  1 
ATOM   381 C C   . GLY A 1 48 ? 0.188   -0.014  -7.321  1.00 20.65 ? 48  GLY A C   1 
ATOM   382 O O   . GLY A 1 48 ? 0.283   1.102   -7.841  1.00 22.51 ? 48  GLY A O   1 
ATOM   383 N N   . LEU A 1 49 ? 0.931   -0.396  -6.287  1.00 19.36 ? 49  LEU A N   1 
ATOM   384 C CA  . LEU A 1 49 ? 1.931   0.501   -5.703  1.00 18.26 ? 49  LEU A CA  1 
ATOM   385 C C   . LEU A 1 49 ? 3.102   0.659   -6.665  1.00 20.44 ? 49  LEU A C   1 
ATOM   386 O O   . LEU A 1 49 ? 3.675   1.741   -6.786  1.00 19.05 ? 49  LEU A O   1 
ATOM   387 C CB  . LEU A 1 49 ? 2.427   -0.041  -4.361  1.00 18.73 ? 49  LEU A CB  1 
ATOM   388 C CG  . LEU A 1 49 ? 1.425   -0.062  -3.199  1.00 17.26 ? 49  LEU A CG  1 
ATOM   389 C CD1 . LEU A 1 49 ? 2.063   -0.716  -2.001  1.00 17.17 ? 49  LEU A CD1 1 
ATOM   390 C CD2 . LEU A 1 49 ? 0.990   1.362   -2.855  1.00 18.02 ? 49  LEU A CD2 1 
ATOM   391 N N   . GLU A 1 50 ? 3.452   -0.423  -7.351  1.00 20.57 ? 50  GLU A N   1 
ATOM   392 C CA  . GLU A 1 50 ? 4.547   -0.387  -8.313  1.00 21.58 ? 50  GLU A CA  1 
ATOM   393 C C   . GLU A 1 50 ? 4.191   0.509   -9.493  1.00 23.80 ? 50  GLU A C   1 
ATOM   394 O O   . GLU A 1 50 ? 5.028   1.276   -9.975  1.00 23.73 ? 50  GLU A O   1 
ATOM   395 C CB  . GLU A 1 50 ? 4.868   -1.803  -8.797  1.00 21.52 ? 50  GLU A CB  1 
ATOM   396 C CG  . GLU A 1 50 ? 5.430   -2.685  -7.703  1.00 20.87 ? 50  GLU A CG  1 
ATOM   397 C CD  . GLU A 1 50 ? 5.706   -4.098  -8.170  1.00 21.51 ? 50  GLU A CD  1 
ATOM   398 O OE1 . GLU A 1 50 ? 4.826   -4.681  -8.837  1.00 24.32 ? 50  GLU A OE1 1 
ATOM   399 O OE2 . GLU A 1 50 ? 6.793   -4.624  -7.857  1.00 23.33 ? 50  GLU A OE2 1 
ATOM   400 N N   . ASP A 1 51 ? 2.946   0.428   -9.949  1.00 25.20 ? 51  ASP A N   1 
ATOM   401 C CA  . ASP A 1 51 ? 2.504   1.244   -11.071 1.00 27.55 ? 51  ASP A CA  1 
ATOM   402 C C   . ASP A 1 51 ? 2.405   2.715   -10.694 1.00 27.76 ? 51  ASP A C   1 
ATOM   403 O O   . ASP A 1 51 ? 2.852   3.587   -11.439 1.00 27.89 ? 51  ASP A O   1 
ATOM   404 C CB  . ASP A 1 51 ? 1.147   0.759   -11.587 1.00 29.98 ? 51  ASP A CB  1 
ATOM   405 C CG  . ASP A 1 51 ? 1.199   -0.659  -12.110 1.00 32.53 ? 51  ASP A CG  1 
ATOM   406 O OD1 . ASP A 1 51 ? 2.171   -0.990  -12.820 1.00 36.36 ? 51  ASP A OD1 1 
ATOM   407 O OD2 . ASP A 1 51 ? 0.268   -1.443  -11.824 1.00 37.82 ? 51  ASP A OD2 1 
ATOM   408 N N   . GLU A 1 52 ? 1.827   2.981   -9.528  1.00 26.27 ? 52  GLU A N   1 
ATOM   409 C CA  . GLU A 1 52 ? 1.644   4.346   -9.052  1.00 25.06 ? 52  GLU A CA  1 
ATOM   410 C C   . GLU A 1 52 ? 2.949   5.078   -8.752  1.00 23.75 ? 52  GLU A C   1 
ATOM   411 O O   . GLU A 1 52 ? 3.087   6.263   -9.070  1.00 24.95 ? 52  GLU A O   1 
ATOM   412 C CB  . GLU A 1 52 ? 0.761   4.336   -7.801  1.00 26.64 ? 52  GLU A CB  1 
ATOM   413 C CG  . GLU A 1 52 ? 0.563   5.691   -7.137  1.00 29.14 ? 52  GLU A CG  1 
ATOM   414 C CD  . GLU A 1 52 ? -0.079  6.721   -8.049  1.00 31.22 ? 52  GLU A CD  1 
ATOM   415 O OE1 . GLU A 1 52 ? -0.988  6.361   -8.827  1.00 34.09 ? 52  GLU A OE1 1 
ATOM   416 O OE2 . GLU A 1 52 ? 0.317   7.904   -7.973  1.00 33.46 ? 52  GLU A OE2 1 
ATOM   417 N N   . PHE A 1 53 ? 3.904   4.375   -8.151  1.00 22.46 ? 53  PHE A N   1 
ATOM   418 C CA  . PHE A 1 53 ? 5.173   4.989   -7.775  1.00 22.92 ? 53  PHE A CA  1 
ATOM   419 C C   . PHE A 1 53 ? 6.338   4.677   -8.702  1.00 24.24 ? 53  PHE A C   1 
ATOM   420 O O   . PHE A 1 53 ? 7.432   5.218   -8.532  1.00 24.92 ? 53  PHE A O   1 
ATOM   421 C CB  . PHE A 1 53 ? 5.516   4.598   -6.336  1.00 22.97 ? 53  PHE A CB  1 
ATOM   422 C CG  . PHE A 1 53 ? 4.556   5.153   -5.327  1.00 20.54 ? 53  PHE A CG  1 
ATOM   423 C CD1 . PHE A 1 53 ? 4.648   6.482   -4.931  1.00 20.77 ? 53  PHE A CD1 1 
ATOM   424 C CD2 . PHE A 1 53 ? 3.526   4.367   -4.811  1.00 20.85 ? 53  PHE A CD2 1 
ATOM   425 C CE1 . PHE A 1 53 ? 3.732   7.024   -4.041  1.00 20.52 ? 53  PHE A CE1 1 
ATOM   426 C CE2 . PHE A 1 53 ? 2.604   4.903   -3.919  1.00 17.41 ? 53  PHE A CE2 1 
ATOM   427 C CZ  . PHE A 1 53 ? 2.708   6.235   -3.533  1.00 19.17 ? 53  PHE A CZ  1 
ATOM   428 N N   . GLY A 1 54 ? 6.097   3.809   -9.680  1.00 24.92 ? 54  GLY A N   1 
ATOM   429 C CA  . GLY A 1 54 ? 7.134   3.452   -10.633 1.00 25.75 ? 54  GLY A CA  1 
ATOM   430 C C   . GLY A 1 54 ? 8.317   2.699   -10.056 1.00 27.25 ? 54  GLY A C   1 
ATOM   431 O O   . GLY A 1 54 ? 9.411   2.722   -10.620 1.00 29.41 ? 54  GLY A O   1 
ATOM   432 N N   . LEU A 1 55 ? 8.117   2.021   -8.931  1.00 26.31 ? 55  LEU A N   1 
ATOM   433 C CA  . LEU A 1 55 ? 9.205   1.273   -8.318  1.00 26.19 ? 55  LEU A CA  1 
ATOM   434 C C   . LEU A 1 55 ? 9.000   -0.229  -8.431  1.00 25.36 ? 55  LEU A C   1 
ATOM   435 O O   . LEU A 1 55 ? 7.989   -0.685  -8.961  1.00 24.67 ? 55  LEU A O   1 
ATOM   436 C CB  . LEU A 1 55 ? 9.366   1.681   -6.850  1.00 29.31 ? 55  LEU A CB  1 
ATOM   437 C CG  . LEU A 1 55 ? 8.094   1.832   -6.014  1.00 29.93 ? 55  LEU A CG  1 
ATOM   438 C CD1 . LEU A 1 55 ? 7.390   0.490   -5.907  1.00 30.48 ? 55  LEU A CD1 1 
ATOM   439 C CD2 . LEU A 1 55 ? 8.447   2.363   -4.631  1.00 30.58 ? 55  LEU A CD2 1 
ATOM   440 N N   . GLU A 1 56 ? 9.981   -0.986  -7.953  1.00 24.86 ? 56  GLU A N   1 
ATOM   441 C CA  . GLU A 1 56 ? 9.919   -2.441  -7.979  1.00 26.28 ? 56  GLU A CA  1 
ATOM   442 C C   . GLU A 1 56 ? 10.062  -2.964  -6.560  1.00 27.36 ? 56  GLU A C   1 
ATOM   443 O O   . GLU A 1 56 ? 11.031  -2.651  -5.864  1.00 29.09 ? 56  GLU A O   1 
ATOM   444 C CB  . GLU A 1 56 ? 11.042  -3.028  -8.841  1.00 26.20 ? 56  GLU A CB  1 
ATOM   445 C CG  . GLU A 1 56 ? 10.954  -2.711  -10.324 1.00 28.42 ? 56  GLU A CG  1 
ATOM   446 C CD  . GLU A 1 56 ? 9.660   -3.188  -10.945 1.00 30.01 ? 56  GLU A CD  1 
ATOM   447 O OE1 . GLU A 1 56 ? 9.191   -4.282  -10.567 1.00 30.58 ? 56  GLU A OE1 1 
ATOM   448 O OE2 . GLU A 1 56 ? 9.116   -2.476  -11.814 1.00 30.32 ? 56  GLU A OE2 1 
ATOM   449 N N   . ILE A 1 57 ? 9.087   -3.754  -6.127  1.00 28.46 ? 57  ILE A N   1 
ATOM   450 C CA  . ILE A 1 57 ? 9.115   -4.340  -4.796  1.00 29.19 ? 57  ILE A CA  1 
ATOM   451 C C   . ILE A 1 57 ? 9.310   -5.837  -4.996  1.00 30.10 ? 57  ILE A C   1 
ATOM   452 O O   . ILE A 1 57 ? 8.506   -6.490  -5.662  1.00 31.65 ? 57  ILE A O   1 
ATOM   453 C CB  . ILE A 1 57 ? 7.789   -4.094  -4.049  1.00 29.68 ? 57  ILE A CB  1 
ATOM   454 C CG1 . ILE A 1 57 ? 7.506   -2.590  -3.985  1.00 28.68 ? 57  ILE A CG1 1 
ATOM   455 C CG2 . ILE A 1 57 ? 7.867   -4.675  -2.642  1.00 27.76 ? 57  ILE A CG2 1 
ATOM   456 C CD1 . ILE A 1 57 ? 6.107   -2.240  -3.530  1.00 27.79 ? 57  ILE A CD1 1 
ATOM   457 N N   . SER A 1 58 ? 10.387  -6.377  -4.438  1.00 31.31 ? 58  SER A N   1 
ATOM   458 C CA  . SER A 1 58 ? 10.664  -7.801  -4.577  1.00 32.95 ? 58  SER A CA  1 
ATOM   459 C C   . SER A 1 58 ? 9.603   -8.602  -3.838  1.00 34.25 ? 58  SER A C   1 
ATOM   460 O O   . SER A 1 58 ? 8.975   -8.101  -2.905  1.00 33.49 ? 58  SER A O   1 
ATOM   461 C CB  . SER A 1 58 ? 12.044  -8.135  -4.009  1.00 32.75 ? 58  SER A CB  1 
ATOM   462 O OG  . SER A 1 58 ? 12.071  -7.969  -2.601  1.00 32.71 ? 58  SER A OG  1 
ATOM   463 N N   . ASP A 1 59 ? 9.403   -9.847  -4.259  1.00 35.77 ? 59  ASP A N   1 
ATOM   464 C CA  . ASP A 1 59 ? 8.422   -10.707 -3.614  1.00 37.39 ? 59  ASP A CA  1 
ATOM   465 C C   . ASP A 1 59 ? 8.736   -10.807 -2.125  1.00 37.77 ? 59  ASP A C   1 
ATOM   466 O O   . ASP A 1 59 ? 7.831   -10.894 -1.297  1.00 38.56 ? 59  ASP A O   1 
ATOM   467 C CB  . ASP A 1 59 ? 8.430   -12.102 -4.247  1.00 38.25 ? 59  ASP A CB  1 
ATOM   468 C CG  . ASP A 1 59 ? 7.936   -12.099 -5.688  1.00 39.41 ? 59  ASP A CG  1 
ATOM   469 O OD1 . ASP A 1 59 ? 7.832   -13.191 -6.285  1.00 40.77 ? 59  ASP A OD1 1 
ATOM   470 O OD2 . ASP A 1 59 ? 7.648   -11.009 -6.226  1.00 39.46 ? 59  ASP A OD2 1 
ATOM   471 N N   . GLU A 1 60 ? 10.022  -10.783 -1.787  1.00 38.39 ? 60  GLU A N   1 
ATOM   472 C CA  . GLU A 1 60 ? 10.443  -10.869 -0.392  1.00 39.36 ? 60  GLU A CA  1 
ATOM   473 C C   . GLU A 1 60 ? 9.951   -9.649  0.376   1.00 38.44 ? 60  GLU A C   1 
ATOM   474 O O   . GLU A 1 60 ? 9.275   -9.776  1.395   1.00 38.39 ? 60  GLU A O   1 
ATOM   475 C CB  . GLU A 1 60 ? 11.970  -10.939 -0.278  1.00 41.74 ? 60  GLU A CB  1 
ATOM   476 C CG  . GLU A 1 60 ? 12.639  -12.040 -1.088  1.00 44.94 ? 60  GLU A CG  1 
ATOM   477 C CD  . GLU A 1 60 ? 12.808  -11.676 -2.553  1.00 46.38 ? 60  GLU A CD  1 
ATOM   478 O OE1 . GLU A 1 60 ? 11.795  -11.593 -3.277  1.00 46.94 ? 60  GLU A OE1 1 
ATOM   479 O OE2 . GLU A 1 60 ? 13.964  -11.467 -2.978  1.00 47.96 ? 60  GLU A OE2 1 
ATOM   480 N N   . GLU A 1 61 ? 10.302  -8.468  -0.123  1.00 37.19 ? 61  GLU A N   1 
ATOM   481 C CA  . GLU A 1 61 ? 9.912   -7.213  0.509   1.00 36.23 ? 61  GLU A CA  1 
ATOM   482 C C   . GLU A 1 61 ? 8.397   -7.110  0.633   1.00 34.20 ? 61  GLU A C   1 
ATOM   483 O O   . GLU A 1 61 ? 7.881   -6.684  1.664   1.00 34.59 ? 61  GLU A O   1 
ATOM   484 C CB  . GLU A 1 61 ? 10.441  -6.024  -0.300  1.00 36.69 ? 61  GLU A CB  1 
ATOM   485 C CG  . GLU A 1 61 ? 11.959  -5.974  -0.429  1.00 37.68 ? 61  GLU A CG  1 
ATOM   486 C CD  . GLU A 1 61 ? 12.430  -4.856  -1.346  1.00 39.11 ? 61  GLU A CD  1 
ATOM   487 O OE1 . GLU A 1 61 ? 11.985  -4.814  -2.513  1.00 38.69 ? 61  GLU A OE1 1 
ATOM   488 O OE2 . GLU A 1 61 ? 13.249  -4.023  -0.904  1.00 40.66 ? 61  GLU A OE2 1 
ATOM   489 N N   . ALA A 1 62 ? 7.690   -7.503  -0.422  1.00 34.75 ? 62  ALA A N   1 
ATOM   490 C CA  . ALA A 1 62 ? 6.234   -7.443  -0.424  1.00 33.66 ? 62  ALA A CA  1 
ATOM   491 C C   . ALA A 1 62 ? 5.639   -8.220  0.747   1.00 34.98 ? 62  ALA A C   1 
ATOM   492 O O   . ALA A 1 62 ? 4.728   -7.742  1.420   1.00 34.06 ? 62  ALA A O   1 
ATOM   493 C CB  . ALA A 1 62 ? 5.694   -7.984  -1.745  1.00 32.91 ? 62  ALA A CB  1 
ATOM   494 N N   . GLU A 1 63 ? 6.162   -9.416  0.993   1.00 35.62 ? 63  GLU A N   1 
ATOM   495 C CA  . GLU A 1 63 ? 5.670   -10.249 2.085   1.00 36.37 ? 63  GLU A CA  1 
ATOM   496 C C   . GLU A 1 63 ? 5.766   -9.555  3.442   1.00 35.43 ? 63  GLU A C   1 
ATOM   497 O O   . GLU A 1 63 ? 5.062   -9.923  4.385   1.00 35.43 ? 63  GLU A O   1 
ATOM   498 C CB  . GLU A 1 63 ? 6.453   -11.565 2.143   1.00 38.97 ? 63  GLU A CB  1 
ATOM   499 C CG  . GLU A 1 63 ? 6.372   -12.413 0.882   1.00 42.99 ? 63  GLU A CG  1 
ATOM   500 C CD  . GLU A 1 63 ? 7.095   -13.740 1.030   1.00 45.17 ? 63  GLU A CD  1 
ATOM   501 O OE1 . GLU A 1 63 ? 6.703   -14.538 1.909   1.00 47.29 ? 63  GLU A OE1 1 
ATOM   502 O OE2 . GLU A 1 63 ? 8.055   -13.989 0.270   1.00 46.60 ? 63  GLU A OE2 1 
ATOM   503 N N   . LYS A 1 64 ? 6.629   -8.548  3.537   1.00 34.31 ? 64  LYS A N   1 
ATOM   504 C CA  . LYS A 1 64 ? 6.830   -7.825  4.792   1.00 32.88 ? 64  LYS A CA  1 
ATOM   505 C C   . LYS A 1 64 ? 5.950   -6.593  5.003   1.00 30.98 ? 64  LYS A C   1 
ATOM   506 O O   . LYS A 1 64 ? 5.873   -6.070  6.114   1.00 31.35 ? 64  LYS A O   1 
ATOM   507 C CB  . LYS A 1 64 ? 8.299   -7.418  4.921   1.00 35.03 ? 64  LYS A CB  1 
ATOM   508 C CG  . LYS A 1 64 ? 9.272   -8.588  4.907   1.00 38.24 ? 64  LYS A CG  1 
ATOM   509 C CD  . LYS A 1 64 ? 9.074   -9.499  6.112   1.00 40.26 ? 64  LYS A CD  1 
ATOM   510 C CE  . LYS A 1 64 ? 10.072  -10.650 6.106   1.00 42.82 ? 64  LYS A CE  1 
ATOM   511 N NZ  . LYS A 1 64 ? 9.948   -11.517 7.313   1.00 43.40 ? 64  LYS A NZ  1 
ATOM   512 N N   . ILE A 1 65 ? 5.294   -6.124  3.948   1.00 27.80 ? 65  ILE A N   1 
ATOM   513 C CA  . ILE A 1 65 ? 4.432   -4.948  4.054   1.00 25.72 ? 65  ILE A CA  1 
ATOM   514 C C   . ILE A 1 65 ? 3.018   -5.379  4.464   1.00 23.40 ? 65  ILE A C   1 
ATOM   515 O O   . ILE A 1 65 ? 2.224   -5.791  3.623   1.00 26.09 ? 65  ILE A O   1 
ATOM   516 C CB  . ILE A 1 65 ? 4.396   -4.181  2.710   1.00 24.62 ? 65  ILE A CB  1 
ATOM   517 C CG1 . ILE A 1 65 ? 5.821   -3.768  2.322   1.00 26.32 ? 65  ILE A CG1 1 
ATOM   518 C CG2 . ILE A 1 65 ? 3.510   -2.940  2.829   1.00 25.52 ? 65  ILE A CG2 1 
ATOM   519 C CD1 . ILE A 1 65 ? 5.936   -3.092  0.969   1.00 27.62 ? 65  ILE A CD1 1 
ATOM   520 N N   . ARG A 1 66 ? 2.728   -5.271  5.763   1.00 23.47 ? 66  ARG A N   1 
ATOM   521 C CA  . ARG A 1 66 ? 1.434   -5.672  6.337   1.00 22.92 ? 66  ARG A CA  1 
ATOM   522 C C   . ARG A 1 66 ? 0.441   -4.534  6.557   1.00 21.97 ? 66  ARG A C   1 
ATOM   523 O O   . ARG A 1 66 ? -0.775  -4.750  6.536   1.00 19.91 ? 66  ARG A O   1 
ATOM   524 C CB  . ARG A 1 66 ? 1.634   -6.365  7.697   1.00 24.68 ? 66  ARG A CB  1 
ATOM   525 C CG  . ARG A 1 66 ? 2.220   -7.769  7.669   1.00 26.89 ? 66  ARG A CG  1 
ATOM   526 C CD  . ARG A 1 66 ? 2.439   -8.317  9.092   1.00 28.09 ? 66  ARG A CD  1 
ATOM   527 N NE  . ARG A 1 66 ? 1.191   -8.586  9.816   1.00 27.04 ? 66  ARG A NE  1 
ATOM   528 C CZ  . ARG A 1 66 ? 1.132   -9.088  11.049  1.00 27.54 ? 66  ARG A CZ  1 
ATOM   529 N NH1 . ARG A 1 66 ? 2.251   -9.373  11.703  1.00 27.20 ? 66  ARG A NH1 1 
ATOM   530 N NH2 . ARG A 1 66 ? -0.045  -9.320  11.631  1.00 24.89 ? 66  ARG A NH2 1 
ATOM   531 N N   . THR A 1 67 ? 0.952   -3.333  6.796   1.00 18.23 ? 67  THR A N   1 
ATOM   532 C CA  . THR A 1 67 ? 0.097   -2.188  7.069   1.00 17.33 ? 67  THR A CA  1 
ATOM   533 C C   . THR A 1 67 ? 0.294   -1.057  6.081   1.00 17.67 ? 67  THR A C   1 
ATOM   534 O O   . THR A 1 67 ? 1.231   -1.066  5.286   1.00 17.33 ? 67  THR A O   1 
ATOM   535 C CB  . THR A 1 67 ? 0.384   -1.615  8.459   1.00 19.70 ? 67  THR A CB  1 
ATOM   536 O OG1 . THR A 1 67 ? 1.743   -1.152  8.501   1.00 19.14 ? 67  THR A OG1 1 
ATOM   537 C CG2 . THR A 1 67 ? 0.189   -2.676  9.531   1.00 22.46 ? 67  THR A CG2 1 
ATOM   538 N N   . VAL A 1 68 ? -0.611  -0.090  6.143   1.00 16.18 ? 68  VAL A N   1 
ATOM   539 C CA  . VAL A 1 68 ? -0.535  1.079   5.291   1.00 16.77 ? 68  VAL A CA  1 
ATOM   540 C C   . VAL A 1 68 ? 0.761   1.790   5.674   1.00 17.31 ? 68  VAL A C   1 
ATOM   541 O O   . VAL A 1 68 ? 1.519   2.236   4.809   1.00 16.68 ? 68  VAL A O   1 
ATOM   542 C CB  . VAL A 1 68 ? -1.757  2.003   5.522   1.00 16.85 ? 68  VAL A CB  1 
ATOM   543 C CG1 . VAL A 1 68 ? -1.583  3.312   4.773   1.00 16.93 ? 68  VAL A CG1 1 
ATOM   544 C CG2 . VAL A 1 68 ? -3.031  1.299   5.048   1.00 17.65 ? 68  VAL A CG2 1 
ATOM   545 N N   . LYS A 1 69 ? 1.027   1.872   6.976   1.00 16.74 ? 69  LYS A N   1 
ATOM   546 C CA  . LYS A 1 69 ? 2.242   2.521   7.460   1.00 19.01 ? 69  LYS A CA  1 
ATOM   547 C C   . LYS A 1 69 ? 3.481   1.841   6.884   1.00 18.17 ? 69  LYS A C   1 
ATOM   548 O O   . LYS A 1 69 ? 4.419   2.522   6.455   1.00 18.51 ? 69  LYS A O   1 
ATOM   549 C CB  . LYS A 1 69 ? 2.298   2.486   8.987   1.00 20.65 ? 69  LYS A CB  1 
ATOM   550 C CG  . LYS A 1 69 ? 3.523   3.189   9.557   1.00 24.52 ? 69  LYS A CG  1 
ATOM   551 C CD  . LYS A 1 69 ? 3.533   3.162   11.079  1.00 27.93 ? 69  LYS A CD  1 
ATOM   552 C CE  . LYS A 1 69 ? 4.814   3.782   11.620  1.00 31.89 ? 69  LYS A CE  1 
ATOM   553 N NZ  . LYS A 1 69 ? 4.910   3.671   13.102  1.00 33.86 ? 69  LYS A NZ  1 
ATOM   554 N N   . ASP A 1 70 ? 3.495   0.507   6.869   1.00 17.43 ? 70  ASP A N   1 
ATOM   555 C CA  . ASP A 1 70 ? 4.641   -0.216  6.314   1.00 18.61 ? 70  ASP A CA  1 
ATOM   556 C C   . ASP A 1 70 ? 4.873   0.192   4.869   1.00 18.68 ? 70  ASP A C   1 
ATOM   557 O O   . ASP A 1 70 ? 6.014   0.369   4.438   1.00 19.85 ? 70  ASP A O   1 
ATOM   558 C CB  . ASP A 1 70 ? 4.424   -1.727  6.335   1.00 19.65 ? 70  ASP A CB  1 
ATOM   559 C CG  . ASP A 1 70 ? 4.420   -2.308  7.729   1.00 22.76 ? 70  ASP A CG  1 
ATOM   560 O OD1 . ASP A 1 70 ? 5.013   -1.699  8.647   1.00 24.17 ? 70  ASP A OD1 1 
ATOM   561 O OD2 . ASP A 1 70 ? 3.834   -3.397  7.885   1.00 22.86 ? 70  ASP A OD2 1 
ATOM   562 N N   . ALA A 1 71 ? 3.788   0.335   4.117   1.00 17.40 ? 71  ALA A N   1 
ATOM   563 C CA  . ALA A 1 71 ? 3.885   0.709   2.714   1.00 17.47 ? 71  ALA A CA  1 
ATOM   564 C C   . ALA A 1 71 ? 4.415   2.126   2.573   1.00 16.52 ? 71  ALA A C   1 
ATOM   565 O O   . ALA A 1 71 ? 5.325   2.376   1.779   1.00 17.73 ? 71  ALA A O   1 
ATOM   566 C CB  . ALA A 1 71 ? 2.526   0.590   2.045   1.00 17.32 ? 71  ALA A CB  1 
ATOM   567 N N   . VAL A 1 72 ? 3.841   3.046   3.340   1.00 17.56 ? 72  VAL A N   1 
ATOM   568 C CA  . VAL A 1 72 ? 4.263   4.439   3.294   1.00 18.00 ? 72  VAL A CA  1 
ATOM   569 C C   . VAL A 1 72 ? 5.738   4.584   3.657   1.00 21.11 ? 72  VAL A C   1 
ATOM   570 O O   . VAL A 1 72 ? 6.486   5.268   2.956   1.00 20.57 ? 72  VAL A O   1 
ATOM   571 C CB  . VAL A 1 72 ? 3.393   5.315   4.225   1.00 18.28 ? 72  VAL A CB  1 
ATOM   572 C CG1 . VAL A 1 72 ? 3.983   6.718   4.335   1.00 18.26 ? 72  VAL A CG1 1 
ATOM   573 C CG2 . VAL A 1 72 ? 1.976   5.402   3.669   1.00 16.46 ? 72  VAL A CG2 1 
ATOM   574 N N   . GLU A 1 73 ? 6.160   3.927   4.733   1.00 21.71 ? 73  GLU A N   1 
ATOM   575 C CA  . GLU A 1 73 ? 7.559   4.006   5.162   1.00 24.54 ? 73  GLU A CA  1 
ATOM   576 C C   . GLU A 1 73 ? 8.509   3.407   4.127   1.00 24.41 ? 73  GLU A C   1 
ATOM   577 O O   . GLU A 1 73 ? 9.585   3.957   3.867   1.00 24.77 ? 73  GLU A O   1 
ATOM   578 C CB  . GLU A 1 73 ? 7.752   3.291   6.500   1.00 25.94 ? 73  GLU A CB  1 
ATOM   579 C CG  A GLU A 1 73 ? 6.995   3.926   7.653   0.50 28.10 ? 73  GLU A CG  1 
ATOM   580 C CG  B GLU A 1 73 ? 6.937   3.869   7.641   0.50 28.71 ? 73  GLU A CG  1 
ATOM   581 C CD  A GLU A 1 73 ? 7.195   3.187   8.963   0.50 28.88 ? 73  GLU A CD  1 
ATOM   582 C CD  B GLU A 1 73 ? 7.331   5.290   7.989   0.50 29.64 ? 73  GLU A CD  1 
ATOM   583 O OE1 A GLU A 1 73 ? 6.888   1.978   9.019   0.50 30.48 ? 73  GLU A OE1 1 
ATOM   584 O OE1 B GLU A 1 73 ? 6.704   5.871   8.898   0.50 31.60 ? 73  GLU A OE1 1 
ATOM   585 O OE2 A GLU A 1 73 ? 7.657   3.816   9.937   0.50 30.25 ? 73  GLU A OE2 1 
ATOM   586 O OE2 B GLU A 1 73 ? 8.268   5.827   7.362   0.50 31.24 ? 73  GLU A OE2 1 
ATOM   587 N N   . TYR A 1 74 ? 8.119   2.282   3.540   1.00 23.01 ? 74  TYR A N   1 
ATOM   588 C CA  . TYR A 1 74 ? 8.952   1.625   2.541   1.00 22.39 ? 74  TYR A CA  1 
ATOM   589 C C   . TYR A 1 74 ? 9.166   2.567   1.364   1.00 22.37 ? 74  TYR A C   1 
ATOM   590 O O   . TYR A 1 74 ? 10.300  2.816   0.943   1.00 22.72 ? 74  TYR A O   1 
ATOM   591 C CB  . TYR A 1 74 ? 8.276   0.345   2.042   1.00 22.33 ? 74  TYR A CB  1 
ATOM   592 C CG  . TYR A 1 74 ? 8.993   -0.314  0.889   1.00 21.84 ? 74  TYR A CG  1 
ATOM   593 C CD1 . TYR A 1 74 ? 10.057  -1.187  1.109   1.00 23.66 ? 74  TYR A CD1 1 
ATOM   594 C CD2 . TYR A 1 74 ? 8.617   -0.050  -0.429  1.00 21.82 ? 74  TYR A CD2 1 
ATOM   595 C CE1 . TYR A 1 74 ? 10.730  -1.785  0.043   1.00 23.96 ? 74  TYR A CE1 1 
ATOM   596 C CE2 . TYR A 1 74 ? 9.281   -0.642  -1.501  1.00 23.57 ? 74  TYR A CE2 1 
ATOM   597 C CZ  . TYR A 1 74 ? 10.336  -1.507  -1.257  1.00 24.56 ? 74  TYR A CZ  1 
ATOM   598 O OH  . TYR A 1 74 ? 10.986  -2.102  -2.313  1.00 26.96 ? 74  TYR A OH  1 
ATOM   599 N N   . ILE A 1 75 ? 8.061   3.089   0.843   1.00 20.71 ? 75  ILE A N   1 
ATOM   600 C CA  . ILE A 1 75 ? 8.087   3.991   -0.297  1.00 21.36 ? 75  ILE A CA  1 
ATOM   601 C C   . ILE A 1 75 ? 8.883   5.266   -0.012  1.00 23.25 ? 75  ILE A C   1 
ATOM   602 O O   . ILE A 1 75 ? 9.698   5.690   -0.836  1.00 23.47 ? 75  ILE A O   1 
ATOM   603 C CB  . ILE A 1 75 ? 6.643   4.333   -0.737  1.00 20.30 ? 75  ILE A CB  1 
ATOM   604 C CG1 . ILE A 1 75 ? 5.940   3.044   -1.191  1.00 20.33 ? 75  ILE A CG1 1 
ATOM   605 C CG2 . ILE A 1 75 ? 6.659   5.362   -1.862  1.00 20.11 ? 75  ILE A CG2 1 
ATOM   606 C CD1 . ILE A 1 75 ? 4.461   3.201   -1.502  1.00 21.42 ? 75  ILE A CD1 1 
ATOM   607 N N   . LYS A 1 76 ? 8.667   5.866   1.155   1.00 23.51 ? 76  LYS A N   1 
ATOM   608 C CA  . LYS A 1 76 ? 9.384   7.089   1.513   1.00 26.31 ? 76  LYS A CA  1 
ATOM   609 C C   . LYS A 1 76 ? 10.891  6.838   1.589   1.00 26.64 ? 76  LYS A C   1 
ATOM   610 O O   . LYS A 1 76 ? 11.688  7.694   1.206   1.00 25.79 ? 76  LYS A O   1 
ATOM   611 C CB  . LYS A 1 76 ? 8.872   7.635   2.851   1.00 28.40 ? 76  LYS A CB  1 
ATOM   612 C CG  . LYS A 1 76 ? 9.603   8.884   3.346   1.00 31.57 ? 76  LYS A CG  1 
ATOM   613 C CD  . LYS A 1 76 ? 8.799   9.624   4.415   1.00 35.71 ? 76  LYS A CD  1 
ATOM   614 C CE  . LYS A 1 76 ? 8.377   8.709   5.563   1.00 36.81 ? 76  LYS A CE  1 
ATOM   615 N NZ  . LYS A 1 76 ? 9.538   8.100   6.266   1.00 39.26 ? 76  LYS A NZ  1 
ATOM   616 N N   . ALA A 1 77 ? 11.278  5.664   2.072   1.00 26.94 ? 77  ALA A N   1 
ATOM   617 C CA  . ALA A 1 77 ? 12.689  5.315   2.183   1.00 28.70 ? 77  ALA A CA  1 
ATOM   618 C C   . ALA A 1 77 ? 13.339  5.179   0.804   1.00 29.69 ? 77  ALA A C   1 
ATOM   619 O O   . ALA A 1 77 ? 14.423  5.715   0.560   1.00 28.78 ? 77  ALA A O   1 
ATOM   620 C CB  . ALA A 1 77 ? 12.842  4.012   2.961   1.00 28.81 ? 77  ALA A CB  1 
ATOM   621 N N   . LYS A 1 78 ? 12.665  4.465   -0.091  1.00 31.11 ? 78  LYS A N   1 
ATOM   622 C CA  . LYS A 1 78 ? 13.159  4.237   -1.444  1.00 33.62 ? 78  LYS A CA  1 
ATOM   623 C C   . LYS A 1 78 ? 13.276  5.532   -2.240  1.00 33.94 ? 78  LYS A C   1 
ATOM   624 O O   . LYS A 1 78 ? 14.341  5.854   -2.767  1.00 35.99 ? 78  LYS A O   1 
ATOM   625 C CB  . LYS A 1 78 ? 12.225  3.277   -2.191  1.00 33.89 ? 78  LYS A CB  1 
ATOM   626 C CG  . LYS A 1 78 ? 12.195  1.860   -1.634  1.00 36.41 ? 78  LYS A CG  1 
ATOM   627 C CD  . LYS A 1 78 ? 13.320  1.008   -2.204  1.00 37.43 ? 78  LYS A CD  1 
ATOM   628 C CE  . LYS A 1 78 ? 13.085  0.710   -3.680  1.00 38.55 ? 78  LYS A CE  1 
ATOM   629 N NZ  . LYS A 1 78 ? 14.171  -0.125  -4.261  1.00 39.76 ? 78  LYS A NZ  1 
ATOM   630 N N   . LEU A 1 79 ? 12.172  6.267   -2.322  1.00 34.12 ? 79  LEU A N   1 
ATOM   631 C CA  . LEU A 1 79 ? 12.126  7.514   -3.072  1.00 34.68 ? 79  LEU A CA  1 
ATOM   632 C C   . LEU A 1 79 ? 13.074  8.588   -2.548  1.00 35.55 ? 79  LEU A C   1 
ATOM   633 O O   . LEU A 1 79 ? 13.641  9.358   -3.328  1.00 34.84 ? 79  LEU A O   1 
ATOM   634 C CB  . LEU A 1 79 ? 10.695  8.056   -3.088  1.00 33.89 ? 79  LEU A CB  1 
ATOM   635 C CG  . LEU A 1 79 ? 9.657   7.138   -3.740  1.00 34.46 ? 79  LEU A CG  1 
ATOM   636 C CD1 . LEU A 1 79 ? 8.309   7.837   -3.770  1.00 33.89 ? 79  LEU A CD1 1 
ATOM   637 C CD2 . LEU A 1 79 ? 10.098  6.774   -5.153  1.00 34.44 ? 79  LEU A CD2 1 
ATOM   638 N N   . GLY A 1 80 ? 13.247  8.640   -1.232  1.00 36.47 ? 80  GLY A N   1 
ATOM   639 C CA  . GLY A 1 80 ? 14.131  9.639   -0.662  1.00 38.48 ? 80  GLY A CA  1 
ATOM   640 C C   . GLY A 1 80 ? 13.360  10.706  0.084   1.00 38.71 ? 80  GLY A C   1 
ATOM   641 O O   . GLY A 1 80 ? 13.841  11.161  1.143   1.00 40.78 ? 80  GLY A O   1 
ATOM   642 O OXT . GLY A 1 80 ? 12.280  11.101  -0.397  1.00 39.11 ? 80  GLY A OXT 1 
HETATM 643 O O   . HOH B 2 .  ? -1.765  -7.349  6.152   1.00 17.94 ? 81  HOH A O   1 
HETATM 644 O O   . HOH B 2 .  ? -1.240  -8.876  8.361   1.00 18.11 ? 82  HOH A O   1 
HETATM 645 O O   . HOH B 2 .  ? -15.282 0.285   2.422   1.00 25.04 ? 83  HOH A O   1 
HETATM 646 O O   . HOH B 2 .  ? -15.815 -1.749  0.498   1.00 27.00 ? 84  HOH A O   1 
HETATM 647 O O   . HOH B 2 .  ? 8.720   6.775   -10.399 1.00 26.73 ? 85  HOH A O   1 
HETATM 648 O O   . HOH B 2 .  ? -4.580  4.183   12.197  1.00 32.23 ? 86  HOH A O   1 
HETATM 649 O O   . HOH B 2 .  ? 10.509  11.037  -2.143  1.00 34.99 ? 87  HOH A O   1 
HETATM 650 O O   . HOH B 2 .  ? 9.209   14.395  -5.482  1.00 26.77 ? 88  HOH A O   1 
HETATM 651 O O   . HOH B 2 .  ? -8.723  -4.411  15.290  1.00 25.12 ? 89  HOH A O   1 
HETATM 652 O O   . HOH B 2 .  ? -1.531  -13.354 -4.968  1.00 24.92 ? 90  HOH A O   1 
HETATM 653 O O   . HOH B 2 .  ? 8.215   -0.673  5.572   1.00 28.07 ? 91  HOH A O   1 
HETATM 654 O O   . HOH B 2 .  ? -1.920  1.886   -9.291  1.00 30.64 ? 92  HOH A O   1 
HETATM 655 O O   . HOH B 2 .  ? 6.184   -2.925  -12.007 1.00 34.09 ? 93  HOH A O   1 
HETATM 656 O O   . HOH B 2 .  ? -8.114  -14.435 -4.186  1.00 30.13 ? 94  HOH A O   1 
HETATM 657 O O   . HOH B 2 .  ? -2.819  -3.940  -9.910  1.00 29.90 ? 95  HOH A O   1 
HETATM 658 O O   . HOH B 2 .  ? -3.974  -9.975  -11.321 1.00 27.84 ? 96  HOH A O   1 
HETATM 659 O O   . HOH B 2 .  ? -11.422 -11.168 3.263   1.00 27.51 ? 97  HOH A O   1 
HETATM 660 O O   . HOH B 2 .  ? -10.642 -10.649 -4.763  1.00 34.99 ? 98  HOH A O   1 
HETATM 661 O O   . HOH B 2 .  ? 5.129   -9.003  10.953  1.00 43.27 ? 99  HOH A O   1 
HETATM 662 O O   . HOH B 2 .  ? -5.864  9.928   -2.034  1.00 40.24 ? 100 HOH A O   1 
HETATM 663 O O   . HOH B 2 .  ? -7.886  -6.790  -6.141  1.00 31.49 ? 101 HOH A O   1 
HETATM 664 O O   . HOH B 2 .  ? -5.234  -1.847  13.183  1.00 25.77 ? 102 HOH A O   1 
HETATM 665 O O   . HOH B 2 .  ? 7.867   9.577   9.606   1.00 38.09 ? 103 HOH A O   1 
HETATM 666 O O   . HOH B 2 .  ? 2.541   -0.687  11.002  1.00 31.91 ? 104 HOH A O   1 
HETATM 667 O O   . HOH B 2 .  ? 8.100   13.809  4.559   1.00 34.95 ? 105 HOH A O   1 
HETATM 668 O O   . HOH B 2 .  ? 7.423   18.735  -4.753  1.00 41.01 ? 106 HOH A O   1 
HETATM 669 O O   . HOH B 2 .  ? -11.401 -7.296  7.768   1.00 32.91 ? 107 HOH A O   1 
HETATM 670 O O   . HOH B 2 .  ? -16.448 6.709   -2.863  1.00 45.25 ? 108 HOH A O   1 
HETATM 671 O O   . HOH B 2 .  ? 5.193   -10.585 7.366   1.00 41.77 ? 109 HOH A O   1 
HETATM 672 O O   . HOH B 2 .  ? 12.416  1.026   0.870   1.00 37.36 ? 110 HOH A O   1 
HETATM 673 O O   . HOH B 2 .  ? -8.951  5.361   -5.230  1.00 29.57 ? 111 HOH A O   1 
HETATM 674 O O   . HOH B 2 .  ? -7.501  -15.639 -0.735  1.00 36.49 ? 112 HOH A O   1 
HETATM 675 O O   . HOH B 2 .  ? -8.693  -10.904 5.174   1.00 33.07 ? 113 HOH A O   1 
HETATM 676 O O   . HOH B 2 .  ? -7.123  -12.925 3.847   1.00 35.70 ? 114 HOH A O   1 
HETATM 677 O O   . HOH B 2 .  ? -4.589  2.336   -8.147  1.00 33.02 ? 115 HOH A O   1 
HETATM 678 O O   . HOH B 2 .  ? 10.914  5.356   5.785   1.00 34.30 ? 116 HOH A O   1 
HETATM 679 O O   . HOH B 2 .  ? -11.727 -0.718  -7.697  1.00 40.75 ? 117 HOH A O   1 
HETATM 680 O O   . HOH B 2 .  ? 6.609   13.167  7.849   1.00 33.77 ? 118 HOH A O   1 
HETATM 681 O O   . HOH B 2 .  ? 8.202   0.201   8.300   1.00 41.64 ? 119 HOH A O   1 
HETATM 682 O O   . HOH B 2 .  ? -11.375 -1.649  9.005   1.00 41.67 ? 120 HOH A O   1 
HETATM 683 O O   . HOH B 2 .  ? 6.590   -8.616  -6.132  1.00 39.07 ? 121 HOH A O   1 
HETATM 684 O O   . HOH B 2 .  ? -2.497  6.759   -6.204  1.00 32.61 ? 122 HOH A O   1 
HETATM 685 O O   . HOH B 2 .  ? -12.939 2.730   -3.350  1.00 36.28 ? 123 HOH A O   1 
HETATM 686 O O   . HOH B 2 .  ? -10.166 0.601   8.757   1.00 31.65 ? 124 HOH A O   1 
HETATM 687 O O   . HOH B 2 .  ? 0.045   13.056  -3.268  1.00 37.12 ? 125 HOH A O   1 
HETATM 688 O O   . HOH B 2 .  ? -10.233 -5.287  12.322  1.00 36.35 ? 126 HOH A O   1 
HETATM 689 O O   . HOH B 2 .  ? 7.216   14.780  -6.678  1.00 41.82 ? 127 HOH A O   1 
HETATM 690 O O   . HOH B 2 .  ? -0.495  -8.315  3.970   1.00 31.64 ? 128 HOH A O   1 
HETATM 691 O O   . HOH B 2 .  ? 0.507   -12.141 -3.705  1.00 30.78 ? 129 HOH A O   1 
HETATM 692 O O   . HOH B 2 .  ? 9.404   -4.664  2.585   1.00 38.10 ? 130 HOH A O   1 
HETATM 693 O O   . HOH B 2 .  ? -3.733  9.143   -6.687  1.00 33.75 ? 131 HOH A O   1 
HETATM 694 O O   . HOH B 2 .  ? 6.047   16.245  -4.531  1.00 36.28 ? 132 HOH A O   1 
HETATM 695 O O   . HOH B 2 .  ? 4.429   -9.686  -4.673  1.00 32.36 ? 133 HOH A O   1 
HETATM 696 O O   . HOH B 2 .  ? -3.091  0.447   -11.165 1.00 33.44 ? 134 HOH A O   1 
HETATM 697 O O   . HOH B 2 .  ? -4.525  5.133   -7.580  1.00 39.28 ? 135 HOH A O   1 
HETATM 698 O O   . HOH B 2 .  ? -9.873  -10.041 7.478   1.00 38.75 ? 136 HOH A O   1 
HETATM 699 O O   . HOH B 2 .  ? -17.011 1.160   4.665   1.00 38.09 ? 137 HOH A O   1 
HETATM 700 O O   . HOH B 2 .  ? 0.964   -7.129  1.286   1.00 38.92 ? 138 HOH A O   1 
HETATM 701 O O   . HOH B 2 .  ? -2.168  -8.019  1.630   1.00 41.72 ? 139 HOH A O   1 
HETATM 702 O O   . HOH B 2 .  ? -1.738  9.591   -9.425  1.00 48.27 ? 140 HOH A O   1 
HETATM 703 O O   . HOH B 2 .  ? -8.390  8.521   -1.444  1.00 39.99 ? 141 HOH A O   1 
HETATM 704 O O   . HOH B 2 .  ? -8.069  -1.091  -10.502 1.00 52.91 ? 142 HOH A O   1 
HETATM 705 O O   . HOH B 2 .  ? -2.624  13.351  -4.036  1.00 44.00 ? 143 HOH A O   1 
HETATM 706 O O   . HOH B 2 .  ? -0.432  -11.392 8.202   1.00 29.35 ? 144 HOH A O   1 
HETATM 707 O O   . HOH B 2 .  ? -7.590  10.688  2.124   1.00 42.68 ? 145 HOH A O   1 
HETATM 708 O O   . HOH B 2 .  ? 6.524   -7.182  -8.829  1.00 37.70 ? 146 HOH A O   1 
HETATM 709 O O   . HOH B 2 .  ? 9.338   13.979  9.110   1.00 36.69 ? 147 HOH A O   1 
HETATM 710 O O   . HOH B 2 .  ? -3.875  -12.063 -9.535  1.00 45.94 ? 148 HOH A O   1 
HETATM 711 O O   . HOH B 2 .  ? 5.017   -11.778 -2.532  1.00 40.05 ? 149 HOH A O   1 
HETATM 712 O O   . HOH B 2 .  ? -1.919  4.355   -10.844 1.00 39.13 ? 150 HOH A O   1 
HETATM 713 O O   . HOH B 2 .  ? 10.727  0.838   5.405   1.00 42.18 ? 151 HOH A O   1 
HETATM 714 O O   . HOH B 2 .  ? -8.083  0.090   11.315  1.00 42.70 ? 152 HOH A O   1 
HETATM 715 O O   . HOH B 2 .  ? -12.661 -4.509  10.155  1.00 41.90 ? 153 HOH A O   1 
HETATM 716 O O   . HOH B 2 .  ? 2.110   -11.875 8.747   1.00 44.48 ? 154 HOH A O   1 
HETATM 717 O O   . HOH B 2 .  ? 12.406  0.099   3.673   1.00 38.14 ? 155 HOH A O   1 
HETATM 718 O O   . HOH B 2 .  ? -7.239  -17.089 -3.810  1.00 36.13 ? 156 HOH A O   1 
HETATM 719 O O   . HOH B 2 .  ? -8.371  -4.743  -9.122  1.00 42.20 ? 157 HOH A O   1 
HETATM 720 O O   . HOH B 2 .  ? -10.886 -15.242 -1.460  1.00 39.56 ? 158 HOH A O   1 
HETATM 721 O O   . HOH B 2 .  ? -11.270 -13.820 -6.453  1.00 40.87 ? 159 HOH A O   1 
HETATM 722 O O   . HOH B 2 .  ? -9.236  7.502   -4.049  1.00 41.50 ? 160 HOH A O   1 
HETATM 723 O O   . HOH B 2 .  ? 16.393  3.516   -2.675  0.50 34.09 ? 161 HOH A O   1 
HETATM 724 O O   . HOH B 2 .  ? 12.798  7.388   5.105   1.00 38.89 ? 162 HOH A O   1 
HETATM 725 O O   . HOH B 2 .  ? -0.576  -6.517  -0.202  1.00 36.60 ? 163 HOH A O   1 
HETATM 726 O O   . HOH B 2 .  ? -9.076  -17.451 -6.333  1.00 47.22 ? 164 HOH A O   1 
HETATM 727 O O   . HOH B 2 .  ? -7.369  3.837   -9.966  1.00 40.33 ? 165 HOH A O   1 
HETATM 728 O O   . HOH B 2 .  ? -8.922  -15.160 -6.822  1.00 36.96 ? 166 HOH A O   1 
HETATM 729 O O   . HOH B 2 .  ? 2.990   -8.802  -9.446  1.00 43.82 ? 167 HOH A O   1 
HETATM 730 O O   . HOH B 2 .  ? 15.698  -0.407  0.429   1.00 47.84 ? 168 HOH A O   1 
HETATM 731 O O   . HOH B 2 .  ? 11.594  3.165   7.372   1.00 43.64 ? 169 HOH A O   1 
HETATM 732 O O   . HOH B 2 .  ? 9.125   -2.921  5.739   1.00 47.85 ? 170 HOH A O   1 
HETATM 733 O O   . HOH B 2 .  ? -4.317  11.034  -4.354  1.00 45.18 ? 171 HOH A O   1 
HETATM 734 O O   . HOH B 2 .  ? 2.582   -10.228 -2.939  1.00 42.98 ? 172 HOH A O   1 
HETATM 735 O O   . HOH B 2 .  ? -17.083 4.704   5.382   1.00 52.28 ? 173 HOH A O   1 
HETATM 736 O O   . HOH B 2 .  ? 0.850   -12.343 6.167   1.00 41.56 ? 174 HOH A O   1 
HETATM 737 O O   . HOH B 2 .  ? 6.750   7.219   -11.721 1.00 36.66 ? 175 HOH A O   1 
HETATM 738 O O   . HOH B 2 .  ? -6.107  9.047   -7.270  1.00 43.20 ? 176 HOH A O   1 
HETATM 739 O O   . HOH B 2 .  ? -0.068  16.733  0.374   1.00 45.92 ? 177 HOH A O   1 
HETATM 740 O O   . HOH B 2 .  ? -0.727  -12.478 1.717   1.00 46.43 ? 178 HOH A O   1 
HETATM 741 O O   . HOH B 2 .  ? -1.248  14.743  -1.686  1.00 43.11 ? 179 HOH A O   1 
HETATM 742 O O   . HOH B 2 .  ? 6.963   -4.926  -11.434 1.00 34.52 ? 180 HOH A O   1 
# 
loop_
_pdbx_poly_seq_scheme.asym_id 
_pdbx_poly_seq_scheme.entity_id 
_pdbx_poly_seq_scheme.seq_id 
_pdbx_poly_seq_scheme.mon_id 
_pdbx_poly_seq_scheme.ndb_seq_num 
_pdbx_poly_seq_scheme.pdb_seq_num 
_pdbx_poly_seq_scheme.auth_seq_num 
_pdbx_poly_seq_scheme.pdb_mon_id 
_pdbx_poly_seq_scheme.auth_mon_id 
_pdbx_poly_seq_scheme.pdb_strand_id 
_pdbx_poly_seq_scheme.pdb_ins_code 
_pdbx_poly_seq_scheme.hetero 
A 1 1  MET 1  1  1  MET MET A . n 
A 1 2  THR 2  2  2  THR THR A . n 
A 1 3  GLU 3  3  3  GLU GLU A . n 
A 1 4  GLN 4  4  4  GLN GLN A . n 
A 1 5  GLU 5  5  5  GLU GLU A . n 
A 1 6  ILE 6  6  6  ILE ILE A . n 
A 1 7  PHE 7  7  7  PHE PHE A . n 
A 1 8  GLU 8  8  8  GLU GLU A . n 
A 1 9  LYS 9  9  9  LYS LYS A . n 
A 1 10 VAL 10 10 10 VAL VAL A . n 
A 1 11 LYS 11 11 11 LYS LYS A . n 
A 1 12 ALA 12 12 12 ALA ALA A . n 
A 1 13 VAL 13 13 13 VAL VAL A . n 
A 1 14 ILE 14 14 14 ILE ILE A . n 
A 1 15 ALA 15 15 15 ALA ALA A . n 
A 1 16 ASP 16 16 16 ASP ASP A . n 
A 1 17 LYS 17 17 17 LYS LYS A . n 
A 1 18 LEU 18 18 18 LEU LEU A . n 
A 1 19 GLN 19 19 19 GLN GLN A . n 
A 1 20 VAL 20 20 20 VAL VAL A . n 
A 1 21 GLU 21 21 21 GLU GLU A . n 
A 1 22 PRO 22 22 22 PRO PRO A . n 
A 1 23 GLU 23 23 23 GLU GLU A . n 
A 1 24 LYS 24 24 24 LYS LYS A . n 
A 1 25 VAL 25 25 25 VAL VAL A . n 
A 1 26 THR 26 26 26 THR THR A . n 
A 1 27 LEU 27 27 27 LEU LEU A . n 
A 1 28 GLU 28 28 28 GLU GLU A . n 
A 1 29 ALA 29 29 29 ALA ALA A . n 
A 1 30 ARG 30 30 30 ARG ARG A . n 
A 1 31 PHE 31 31 31 PHE PHE A . n 
A 1 32 ILE 32 32 32 ILE ILE A . n 
A 1 33 GLU 33 33 33 GLU GLU A . n 
A 1 34 ASP 34 34 34 ASP ASP A . n 
A 1 35 LEU 35 35 35 LEU LEU A . n 
A 1 36 GLY 36 36 36 GLY GLY A . n 
A 1 37 ALA 37 37 37 ALA ALA A . n 
A 1 38 ASP 38 38 38 ASP ASP A . n 
A 1 39 SER 39 39 39 SER SER A . n 
A 1 40 LEU 40 40 40 LEU LEU A . n 
A 1 41 ASP 41 41 41 ASP ASP A . n 
A 1 42 THR 42 42 42 THR THR A . n 
A 1 43 VAL 43 43 43 VAL VAL A . n 
A 1 44 GLU 44 44 44 GLU GLU A . n 
A 1 45 LEU 45 45 45 LEU LEU A . n 
A 1 46 ILE 46 46 46 ILE ILE A . n 
A 1 47 MET 47 47 47 MET MET A . n 
A 1 48 GLY 48 48 48 GLY GLY A . n 
A 1 49 LEU 49 49 49 LEU LEU A . n 
A 1 50 GLU 50 50 50 GLU GLU A . n 
A 1 51 ASP 51 51 51 ASP ASP A . n 
A 1 52 GLU 52 52 52 GLU GLU A . n 
A 1 53 PHE 53 53 53 PHE PHE A . n 
A 1 54 GLY 54 54 54 GLY GLY A . n 
A 1 55 LEU 55 55 55 LEU LEU A . n 
A 1 56 GLU 56 56 56 GLU GLU A . n 
A 1 57 ILE 57 57 57 ILE ILE A . n 
A 1 58 SER 58 58 58 SER SER A . n 
A 1 59 ASP 59 59 59 ASP ASP A . n 
A 1 60 GLU 60 60 60 GLU GLU A . n 
A 1 61 GLU 61 61 61 GLU GLU A . n 
A 1 62 ALA 62 62 62 ALA ALA A . n 
A 1 63 GLU 63 63 63 GLU GLU A . n 
A 1 64 LYS 64 64 64 LYS LYS A . n 
A 1 65 ILE 65 65 65 ILE ILE A . n 
A 1 66 ARG 66 66 66 ARG ARG A . n 
A 1 67 THR 67 67 67 THR THR A . n 
A 1 68 VAL 68 68 68 VAL VAL A . n 
A 1 69 LYS 69 69 69 LYS LYS A . n 
A 1 70 ASP 70 70 70 ASP ASP A . n 
A 1 71 ALA 71 71 71 ALA ALA A . n 
A 1 72 VAL 72 72 72 VAL VAL A . n 
A 1 73 GLU 73 73 73 GLU GLU A . n 
A 1 74 TYR 74 74 74 TYR TYR A . n 
A 1 75 ILE 75 75 75 ILE ILE A . n 
A 1 76 LYS 76 76 76 LYS LYS A . n 
A 1 77 ALA 77 77 77 ALA ALA A . n 
A 1 78 LYS 78 78 78 LYS LYS A . n 
A 1 79 LEU 79 79 79 LEU LEU A . n 
A 1 80 GLY 80 80 80 GLY GLY A . n 
# 
_pdbx_SG_project.id                    1 
_pdbx_SG_project.project_name          'NPPSFA, National Project on Protein Structural and Functional Analyses' 
_pdbx_SG_project.full_name_of_center   'RIKEN Structural Genomics/Proteomics Initiative' 
_pdbx_SG_project.initial_of_center     RSGI 
# 
loop_
_pdbx_nonpoly_scheme.asym_id 
_pdbx_nonpoly_scheme.entity_id 
_pdbx_nonpoly_scheme.mon_id 
_pdbx_nonpoly_scheme.ndb_seq_num 
_pdbx_nonpoly_scheme.pdb_seq_num 
_pdbx_nonpoly_scheme.auth_seq_num 
_pdbx_nonpoly_scheme.pdb_mon_id 
_pdbx_nonpoly_scheme.auth_mon_id 
_pdbx_nonpoly_scheme.pdb_strand_id 
_pdbx_nonpoly_scheme.pdb_ins_code 
B 2 HOH 1   81  1   HOH WAT A . 
B 2 HOH 2   82  2   HOH WAT A . 
B 2 HOH 3   83  3   HOH WAT A . 
B 2 HOH 4   84  4   HOH WAT A . 
B 2 HOH 5   85  5   HOH WAT A . 
B 2 HOH 6   86  6   HOH WAT A . 
B 2 HOH 7   87  7   HOH WAT A . 
B 2 HOH 8   88  8   HOH WAT A . 
B 2 HOH 9   89  9   HOH WAT A . 
B 2 HOH 10  90  10  HOH WAT A . 
B 2 HOH 11  91  11  HOH WAT A . 
B 2 HOH 12  92  12  HOH WAT A . 
B 2 HOH 13  93  13  HOH WAT A . 
B 2 HOH 14  94  14  HOH WAT A . 
B 2 HOH 15  95  15  HOH WAT A . 
B 2 HOH 16  96  16  HOH WAT A . 
B 2 HOH 17  97  17  HOH WAT A . 
B 2 HOH 18  98  18  HOH WAT A . 
B 2 HOH 19  99  19  HOH WAT A . 
B 2 HOH 20  100 20  HOH WAT A . 
B 2 HOH 21  101 21  HOH WAT A . 
B 2 HOH 22  102 22  HOH WAT A . 
B 2 HOH 23  103 23  HOH WAT A . 
B 2 HOH 24  104 24  HOH WAT A . 
B 2 HOH 25  105 25  HOH WAT A . 
B 2 HOH 26  106 26  HOH WAT A . 
B 2 HOH 27  107 27  HOH WAT A . 
B 2 HOH 28  108 28  HOH WAT A . 
B 2 HOH 29  109 29  HOH WAT A . 
B 2 HOH 30  110 30  HOH WAT A . 
B 2 HOH 31  111 31  HOH WAT A . 
B 2 HOH 32  112 32  HOH WAT A . 
B 2 HOH 33  113 33  HOH WAT A . 
B 2 HOH 34  114 34  HOH WAT A . 
B 2 HOH 35  115 35  HOH WAT A . 
B 2 HOH 36  116 36  HOH WAT A . 
B 2 HOH 37  117 37  HOH WAT A . 
B 2 HOH 38  118 38  HOH WAT A . 
B 2 HOH 39  119 39  HOH WAT A . 
B 2 HOH 40  120 40  HOH WAT A . 
B 2 HOH 41  121 41  HOH WAT A . 
B 2 HOH 42  122 42  HOH WAT A . 
B 2 HOH 43  123 43  HOH WAT A . 
B 2 HOH 44  124 44  HOH WAT A . 
B 2 HOH 45  125 45  HOH WAT A . 
B 2 HOH 46  126 46  HOH WAT A . 
B 2 HOH 47  127 47  HOH WAT A . 
B 2 HOH 48  128 48  HOH WAT A . 
B 2 HOH 49  129 49  HOH WAT A . 
B 2 HOH 50  130 50  HOH WAT A . 
B 2 HOH 51  131 51  HOH WAT A . 
B 2 HOH 52  132 52  HOH WAT A . 
B 2 HOH 53  133 53  HOH WAT A . 
B 2 HOH 54  134 54  HOH WAT A . 
B 2 HOH 55  135 55  HOH WAT A . 
B 2 HOH 56  136 56  HOH WAT A . 
B 2 HOH 57  137 57  HOH WAT A . 
B 2 HOH 58  138 58  HOH WAT A . 
B 2 HOH 59  139 59  HOH WAT A . 
B 2 HOH 60  140 60  HOH WAT A . 
B 2 HOH 61  141 61  HOH WAT A . 
B 2 HOH 62  142 62  HOH WAT A . 
B 2 HOH 63  143 63  HOH WAT A . 
B 2 HOH 64  144 64  HOH WAT A . 
B 2 HOH 65  145 65  HOH WAT A . 
B 2 HOH 66  146 66  HOH WAT A . 
B 2 HOH 67  147 67  HOH WAT A . 
B 2 HOH 68  148 68  HOH WAT A . 
B 2 HOH 69  149 69  HOH WAT A . 
B 2 HOH 70  150 70  HOH WAT A . 
B 2 HOH 71  151 71  HOH WAT A . 
B 2 HOH 72  152 72  HOH WAT A . 
B 2 HOH 73  153 73  HOH WAT A . 
B 2 HOH 74  154 74  HOH WAT A . 
B 2 HOH 75  155 75  HOH WAT A . 
B 2 HOH 76  156 76  HOH WAT A . 
B 2 HOH 77  157 77  HOH WAT A . 
B 2 HOH 78  158 78  HOH WAT A . 
B 2 HOH 79  159 79  HOH WAT A . 
B 2 HOH 80  160 80  HOH WAT A . 
B 2 HOH 81  161 81  HOH WAT A . 
B 2 HOH 82  162 82  HOH WAT A . 
B 2 HOH 83  163 83  HOH WAT A . 
B 2 HOH 84  164 84  HOH WAT A . 
B 2 HOH 85  165 85  HOH WAT A . 
B 2 HOH 86  166 86  HOH WAT A . 
B 2 HOH 87  167 87  HOH WAT A . 
B 2 HOH 88  168 88  HOH WAT A . 
B 2 HOH 89  169 89  HOH WAT A . 
B 2 HOH 90  170 90  HOH WAT A . 
B 2 HOH 91  171 91  HOH WAT A . 
B 2 HOH 92  172 92  HOH WAT A . 
B 2 HOH 93  173 93  HOH WAT A . 
B 2 HOH 94  174 94  HOH WAT A . 
B 2 HOH 95  175 95  HOH WAT A . 
B 2 HOH 96  176 96  HOH WAT A . 
B 2 HOH 97  177 97  HOH WAT A . 
B 2 HOH 98  178 98  HOH WAT A . 
B 2 HOH 99  179 99  HOH WAT A . 
B 2 HOH 100 180 100 HOH WAT A . 
# 
_pdbx_struct_assembly.id                   1 
_pdbx_struct_assembly.details              author_defined_assembly 
_pdbx_struct_assembly.method_details       ? 
_pdbx_struct_assembly.oligomeric_details   monomeric 
_pdbx_struct_assembly.oligomeric_count     1 
# 
_pdbx_struct_assembly_gen.assembly_id       1 
_pdbx_struct_assembly_gen.oper_expression   1 
_pdbx_struct_assembly_gen.asym_id_list      A,B 
# 
_pdbx_struct_oper_list.id                   1 
_pdbx_struct_oper_list.type                 'identity operation' 
_pdbx_struct_oper_list.name                 1_555 
_pdbx_struct_oper_list.symmetry_operation   x,y,z 
_pdbx_struct_oper_list.matrix[1][1]         1.0000000000 
_pdbx_struct_oper_list.matrix[1][2]         0.0000000000 
_pdbx_struct_oper_list.matrix[1][3]         0.0000000000 
_pdbx_struct_oper_list.vector[1]            0.0000000000 
_pdbx_struct_oper_list.matrix[2][1]         0.0000000000 
_pdbx_struct_oper_list.matrix[2][2]         1.0000000000 
_pdbx_struct_oper_list.matrix[2][3]         0.0000000000 
_pdbx_struct_oper_list.vector[2]            0.0000000000 
_pdbx_struct_oper_list.matrix[3][1]         0.0000000000 
_pdbx_struct_oper_list.matrix[3][2]         0.0000000000 
_pdbx_struct_oper_list.matrix[3][3]         1.0000000000 
_pdbx_struct_oper_list.vector[3]            0.0000000000 
# 
_pdbx_struct_special_symmetry.id              1 
_pdbx_struct_special_symmetry.PDB_model_num   1 
_pdbx_struct_special_symmetry.auth_asym_id    A 
_pdbx_struct_special_symmetry.auth_comp_id    HOH 
_pdbx_struct_special_symmetry.auth_seq_id     161 
_pdbx_struct_special_symmetry.PDB_ins_code    ? 
_pdbx_struct_special_symmetry.label_asym_id   B 
_pdbx_struct_special_symmetry.label_comp_id   HOH 
_pdbx_struct_special_symmetry.label_seq_id    . 
# 
loop_
_pdbx_audit_revision_history.ordinal 
_pdbx_audit_revision_history.data_content_type 
_pdbx_audit_revision_history.major_revision 
_pdbx_audit_revision_history.minor_revision 
_pdbx_audit_revision_history.revision_date 
1 'Structure model' 1 0 2006-05-16 
2 'Structure model' 1 1 2008-04-30 
3 'Structure model' 1 2 2011-07-13 
4 'Structure model' 1 3 2023-10-25 
# 
_pdbx_audit_revision_details.ordinal             1 
_pdbx_audit_revision_details.revision_ordinal    1 
_pdbx_audit_revision_details.data_content_type   'Structure model' 
_pdbx_audit_revision_details.provider            repository 
_pdbx_audit_revision_details.type                'Initial release' 
_pdbx_audit_revision_details.description         ? 
_pdbx_audit_revision_details.details             ? 
# 
loop_
_pdbx_audit_revision_group.ordinal 
_pdbx_audit_revision_group.revision_ordinal 
_pdbx_audit_revision_group.data_content_type 
_pdbx_audit_revision_group.group 
1 2 'Structure model' 'Version format compliance' 
2 3 'Structure model' 'Source and taxonomy'       
3 3 'Structure model' 'Version format compliance' 
4 4 'Structure model' 'Data collection'           
5 4 'Structure model' 'Database references'       
6 4 'Structure model' 'Refinement description'    
# 
loop_
_pdbx_audit_revision_category.ordinal 
_pdbx_audit_revision_category.revision_ordinal 
_pdbx_audit_revision_category.data_content_type 
_pdbx_audit_revision_category.category 
1 4 'Structure model' chem_comp_atom                
2 4 'Structure model' chem_comp_bond                
3 4 'Structure model' database_2                    
4 4 'Structure model' pdbx_initial_refinement_model 
# 
loop_
_pdbx_audit_revision_item.ordinal 
_pdbx_audit_revision_item.revision_ordinal 
_pdbx_audit_revision_item.data_content_type 
_pdbx_audit_revision_item.item 
1 4 'Structure model' '_database_2.pdbx_DOI'                
2 4 'Structure model' '_database_2.pdbx_database_accession' 
# 
loop_
_software.name 
_software.classification 
_software.version 
_software.citation_id 
_software.pdbx_ordinal 
CNS       refinement       1.1 ? 1 
HKL-2000  'data reduction' .   ? 2 
SCALEPACK 'data scaling'   .   ? 3 
MOLREP    phasing          .   ? 4 
# 
loop_
_chem_comp_atom.comp_id 
_chem_comp_atom.atom_id 
_chem_comp_atom.type_symbol 
_chem_comp_atom.pdbx_aromatic_flag 
_chem_comp_atom.pdbx_stereo_config 
_chem_comp_atom.pdbx_ordinal 
ALA N    N N N 1   
ALA CA   C N S 2   
ALA C    C N N 3   
ALA O    O N N 4   
ALA CB   C N N 5   
ALA OXT  O N N 6   
ALA H    H N N 7   
ALA H2   H N N 8   
ALA HA   H N N 9   
ALA HB1  H N N 10  
ALA HB2  H N N 11  
ALA HB3  H N N 12  
ALA HXT  H N N 13  
ARG N    N N N 14  
ARG CA   C N S 15  
ARG C    C N N 16  
ARG O    O N N 17  
ARG CB   C N N 18  
ARG CG   C N N 19  
ARG CD   C N N 20  
ARG NE   N N N 21  
ARG CZ   C N N 22  
ARG NH1  N N N 23  
ARG NH2  N N N 24  
ARG OXT  O N N 25  
ARG H    H N N 26  
ARG H2   H N N 27  
ARG HA   H N N 28  
ARG HB2  H N N 29  
ARG HB3  H N N 30  
ARG HG2  H N N 31  
ARG HG3  H N N 32  
ARG HD2  H N N 33  
ARG HD3  H N N 34  
ARG HE   H N N 35  
ARG HH11 H N N 36  
ARG HH12 H N N 37  
ARG HH21 H N N 38  
ARG HH22 H N N 39  
ARG HXT  H N N 40  
ASP N    N N N 41  
ASP CA   C N S 42  
ASP C    C N N 43  
ASP O    O N N 44  
ASP CB   C N N 45  
ASP CG   C N N 46  
ASP OD1  O N N 47  
ASP OD2  O N N 48  
ASP OXT  O N N 49  
ASP H    H N N 50  
ASP H2   H N N 51  
ASP HA   H N N 52  
ASP HB2  H N N 53  
ASP HB3  H N N 54  
ASP HD2  H N N 55  
ASP HXT  H N N 56  
GLN N    N N N 57  
GLN CA   C N S 58  
GLN C    C N N 59  
GLN O    O N N 60  
GLN CB   C N N 61  
GLN CG   C N N 62  
GLN CD   C N N 63  
GLN OE1  O N N 64  
GLN NE2  N N N 65  
GLN OXT  O N N 66  
GLN H    H N N 67  
GLN H2   H N N 68  
GLN HA   H N N 69  
GLN HB2  H N N 70  
GLN HB3  H N N 71  
GLN HG2  H N N 72  
GLN HG3  H N N 73  
GLN HE21 H N N 74  
GLN HE22 H N N 75  
GLN HXT  H N N 76  
GLU N    N N N 77  
GLU CA   C N S 78  
GLU C    C N N 79  
GLU O    O N N 80  
GLU CB   C N N 81  
GLU CG   C N N 82  
GLU CD   C N N 83  
GLU OE1  O N N 84  
GLU OE2  O N N 85  
GLU OXT  O N N 86  
GLU H    H N N 87  
GLU H2   H N N 88  
GLU HA   H N N 89  
GLU HB2  H N N 90  
GLU HB3  H N N 91  
GLU HG2  H N N 92  
GLU HG3  H N N 93  
GLU HE2  H N N 94  
GLU HXT  H N N 95  
GLY N    N N N 96  
GLY CA   C N N 97  
GLY C    C N N 98  
GLY O    O N N 99  
GLY OXT  O N N 100 
GLY H    H N N 101 
GLY H2   H N N 102 
GLY HA2  H N N 103 
GLY HA3  H N N 104 
GLY HXT  H N N 105 
HOH O    O N N 106 
HOH H1   H N N 107 
HOH H2   H N N 108 
ILE N    N N N 109 
ILE CA   C N S 110 
ILE C    C N N 111 
ILE O    O N N 112 
ILE CB   C N S 113 
ILE CG1  C N N 114 
ILE CG2  C N N 115 
ILE CD1  C N N 116 
ILE OXT  O N N 117 
ILE H    H N N 118 
ILE H2   H N N 119 
ILE HA   H N N 120 
ILE HB   H N N 121 
ILE HG12 H N N 122 
ILE HG13 H N N 123 
ILE HG21 H N N 124 
ILE HG22 H N N 125 
ILE HG23 H N N 126 
ILE HD11 H N N 127 
ILE HD12 H N N 128 
ILE HD13 H N N 129 
ILE HXT  H N N 130 
LEU N    N N N 131 
LEU CA   C N S 132 
LEU C    C N N 133 
LEU O    O N N 134 
LEU CB   C N N 135 
LEU CG   C N N 136 
LEU CD1  C N N 137 
LEU CD2  C N N 138 
LEU OXT  O N N 139 
LEU H    H N N 140 
LEU H2   H N N 141 
LEU HA   H N N 142 
LEU HB2  H N N 143 
LEU HB3  H N N 144 
LEU HG   H N N 145 
LEU HD11 H N N 146 
LEU HD12 H N N 147 
LEU HD13 H N N 148 
LEU HD21 H N N 149 
LEU HD22 H N N 150 
LEU HD23 H N N 151 
LEU HXT  H N N 152 
LYS N    N N N 153 
LYS CA   C N S 154 
LYS C    C N N 155 
LYS O    O N N 156 
LYS CB   C N N 157 
LYS CG   C N N 158 
LYS CD   C N N 159 
LYS CE   C N N 160 
LYS NZ   N N N 161 
LYS OXT  O N N 162 
LYS H    H N N 163 
LYS H2   H N N 164 
LYS HA   H N N 165 
LYS HB2  H N N 166 
LYS HB3  H N N 167 
LYS HG2  H N N 168 
LYS HG3  H N N 169 
LYS HD2  H N N 170 
LYS HD3  H N N 171 
LYS HE2  H N N 172 
LYS HE3  H N N 173 
LYS HZ1  H N N 174 
LYS HZ2  H N N 175 
LYS HZ3  H N N 176 
LYS HXT  H N N 177 
MET N    N N N 178 
MET CA   C N S 179 
MET C    C N N 180 
MET O    O N N 181 
MET CB   C N N 182 
MET CG   C N N 183 
MET SD   S N N 184 
MET CE   C N N 185 
MET OXT  O N N 186 
MET H    H N N 187 
MET H2   H N N 188 
MET HA   H N N 189 
MET HB2  H N N 190 
MET HB3  H N N 191 
MET HG2  H N N 192 
MET HG3  H N N 193 
MET HE1  H N N 194 
MET HE2  H N N 195 
MET HE3  H N N 196 
MET HXT  H N N 197 
PHE N    N N N 198 
PHE CA   C N S 199 
PHE C    C N N 200 
PHE O    O N N 201 
PHE CB   C N N 202 
PHE CG   C Y N 203 
PHE CD1  C Y N 204 
PHE CD2  C Y N 205 
PHE CE1  C Y N 206 
PHE CE2  C Y N 207 
PHE CZ   C Y N 208 
PHE OXT  O N N 209 
PHE H    H N N 210 
PHE H2   H N N 211 
PHE HA   H N N 212 
PHE HB2  H N N 213 
PHE HB3  H N N 214 
PHE HD1  H N N 215 
PHE HD2  H N N 216 
PHE HE1  H N N 217 
PHE HE2  H N N 218 
PHE HZ   H N N 219 
PHE HXT  H N N 220 
PRO N    N N N 221 
PRO CA   C N S 222 
PRO C    C N N 223 
PRO O    O N N 224 
PRO CB   C N N 225 
PRO CG   C N N 226 
PRO CD   C N N 227 
PRO OXT  O N N 228 
PRO H    H N N 229 
PRO HA   H N N 230 
PRO HB2  H N N 231 
PRO HB3  H N N 232 
PRO HG2  H N N 233 
PRO HG3  H N N 234 
PRO HD2  H N N 235 
PRO HD3  H N N 236 
PRO HXT  H N N 237 
SER N    N N N 238 
SER CA   C N S 239 
SER C    C N N 240 
SER O    O N N 241 
SER CB   C N N 242 
SER OG   O N N 243 
SER OXT  O N N 244 
SER H    H N N 245 
SER H2   H N N 246 
SER HA   H N N 247 
SER HB2  H N N 248 
SER HB3  H N N 249 
SER HG   H N N 250 
SER HXT  H N N 251 
THR N    N N N 252 
THR CA   C N S 253 
THR C    C N N 254 
THR O    O N N 255 
THR CB   C N R 256 
THR OG1  O N N 257 
THR CG2  C N N 258 
THR OXT  O N N 259 
THR H    H N N 260 
THR H2   H N N 261 
THR HA   H N N 262 
THR HB   H N N 263 
THR HG1  H N N 264 
THR HG21 H N N 265 
THR HG22 H N N 266 
THR HG23 H N N 267 
THR HXT  H N N 268 
TYR N    N N N 269 
TYR CA   C N S 270 
TYR C    C N N 271 
TYR O    O N N 272 
TYR CB   C N N 273 
TYR CG   C Y N 274 
TYR CD1  C Y N 275 
TYR CD2  C Y N 276 
TYR CE1  C Y N 277 
TYR CE2  C Y N 278 
TYR CZ   C Y N 279 
TYR OH   O N N 280 
TYR OXT  O N N 281 
TYR H    H N N 282 
TYR H2   H N N 283 
TYR HA   H N N 284 
TYR HB2  H N N 285 
TYR HB3  H N N 286 
TYR HD1  H N N 287 
TYR HD2  H N N 288 
TYR HE1  H N N 289 
TYR HE2  H N N 290 
TYR HH   H N N 291 
TYR HXT  H N N 292 
VAL N    N N N 293 
VAL CA   C N S 294 
VAL C    C N N 295 
VAL O    O N N 296 
VAL CB   C N N 297 
VAL CG1  C N N 298 
VAL CG2  C N N 299 
VAL OXT  O N N 300 
VAL H    H N N 301 
VAL H2   H N N 302 
VAL HA   H N N 303 
VAL HB   H N N 304 
VAL HG11 H N N 305 
VAL HG12 H N N 306 
VAL HG13 H N N 307 
VAL HG21 H N N 308 
VAL HG22 H N N 309 
VAL HG23 H N N 310 
VAL HXT  H N N 311 
# 
loop_
_chem_comp_bond.comp_id 
_chem_comp_bond.atom_id_1 
_chem_comp_bond.atom_id_2 
_chem_comp_bond.value_order 
_chem_comp_bond.pdbx_aromatic_flag 
_chem_comp_bond.pdbx_stereo_config 
_chem_comp_bond.pdbx_ordinal 
ALA N   CA   sing N N 1   
ALA N   H    sing N N 2   
ALA N   H2   sing N N 3   
ALA CA  C    sing N N 4   
ALA CA  CB   sing N N 5   
ALA CA  HA   sing N N 6   
ALA C   O    doub N N 7   
ALA C   OXT  sing N N 8   
ALA CB  HB1  sing N N 9   
ALA CB  HB2  sing N N 10  
ALA CB  HB3  sing N N 11  
ALA OXT HXT  sing N N 12  
ARG N   CA   sing N N 13  
ARG N   H    sing N N 14  
ARG N   H2   sing N N 15  
ARG CA  C    sing N N 16  
ARG CA  CB   sing N N 17  
ARG CA  HA   sing N N 18  
ARG C   O    doub N N 19  
ARG C   OXT  sing N N 20  
ARG CB  CG   sing N N 21  
ARG CB  HB2  sing N N 22  
ARG CB  HB3  sing N N 23  
ARG CG  CD   sing N N 24  
ARG CG  HG2  sing N N 25  
ARG CG  HG3  sing N N 26  
ARG CD  NE   sing N N 27  
ARG CD  HD2  sing N N 28  
ARG CD  HD3  sing N N 29  
ARG NE  CZ   sing N N 30  
ARG NE  HE   sing N N 31  
ARG CZ  NH1  sing N N 32  
ARG CZ  NH2  doub N N 33  
ARG NH1 HH11 sing N N 34  
ARG NH1 HH12 sing N N 35  
ARG NH2 HH21 sing N N 36  
ARG NH2 HH22 sing N N 37  
ARG OXT HXT  sing N N 38  
ASP N   CA   sing N N 39  
ASP N   H    sing N N 40  
ASP N   H2   sing N N 41  
ASP CA  C    sing N N 42  
ASP CA  CB   sing N N 43  
ASP CA  HA   sing N N 44  
ASP C   O    doub N N 45  
ASP C   OXT  sing N N 46  
ASP CB  CG   sing N N 47  
ASP CB  HB2  sing N N 48  
ASP CB  HB3  sing N N 49  
ASP CG  OD1  doub N N 50  
ASP CG  OD2  sing N N 51  
ASP OD2 HD2  sing N N 52  
ASP OXT HXT  sing N N 53  
GLN N   CA   sing N N 54  
GLN N   H    sing N N 55  
GLN N   H2   sing N N 56  
GLN CA  C    sing N N 57  
GLN CA  CB   sing N N 58  
GLN CA  HA   sing N N 59  
GLN C   O    doub N N 60  
GLN C   OXT  sing N N 61  
GLN CB  CG   sing N N 62  
GLN CB  HB2  sing N N 63  
GLN CB  HB3  sing N N 64  
GLN CG  CD   sing N N 65  
GLN CG  HG2  sing N N 66  
GLN CG  HG3  sing N N 67  
GLN CD  OE1  doub N N 68  
GLN CD  NE2  sing N N 69  
GLN NE2 HE21 sing N N 70  
GLN NE2 HE22 sing N N 71  
GLN OXT HXT  sing N N 72  
GLU N   CA   sing N N 73  
GLU N   H    sing N N 74  
GLU N   H2   sing N N 75  
GLU CA  C    sing N N 76  
GLU CA  CB   sing N N 77  
GLU CA  HA   sing N N 78  
GLU C   O    doub N N 79  
GLU C   OXT  sing N N 80  
GLU CB  CG   sing N N 81  
GLU CB  HB2  sing N N 82  
GLU CB  HB3  sing N N 83  
GLU CG  CD   sing N N 84  
GLU CG  HG2  sing N N 85  
GLU CG  HG3  sing N N 86  
GLU CD  OE1  doub N N 87  
GLU CD  OE2  sing N N 88  
GLU OE2 HE2  sing N N 89  
GLU OXT HXT  sing N N 90  
GLY N   CA   sing N N 91  
GLY N   H    sing N N 92  
GLY N   H2   sing N N 93  
GLY CA  C    sing N N 94  
GLY CA  HA2  sing N N 95  
GLY CA  HA3  sing N N 96  
GLY C   O    doub N N 97  
GLY C   OXT  sing N N 98  
GLY OXT HXT  sing N N 99  
HOH O   H1   sing N N 100 
HOH O   H2   sing N N 101 
ILE N   CA   sing N N 102 
ILE N   H    sing N N 103 
ILE N   H2   sing N N 104 
ILE CA  C    sing N N 105 
ILE CA  CB   sing N N 106 
ILE CA  HA   sing N N 107 
ILE C   O    doub N N 108 
ILE C   OXT  sing N N 109 
ILE CB  CG1  sing N N 110 
ILE CB  CG2  sing N N 111 
ILE CB  HB   sing N N 112 
ILE CG1 CD1  sing N N 113 
ILE CG1 HG12 sing N N 114 
ILE CG1 HG13 sing N N 115 
ILE CG2 HG21 sing N N 116 
ILE CG2 HG22 sing N N 117 
ILE CG2 HG23 sing N N 118 
ILE CD1 HD11 sing N N 119 
ILE CD1 HD12 sing N N 120 
ILE CD1 HD13 sing N N 121 
ILE OXT HXT  sing N N 122 
LEU N   CA   sing N N 123 
LEU N   H    sing N N 124 
LEU N   H2   sing N N 125 
LEU CA  C    sing N N 126 
LEU CA  CB   sing N N 127 
LEU CA  HA   sing N N 128 
LEU C   O    doub N N 129 
LEU C   OXT  sing N N 130 
LEU CB  CG   sing N N 131 
LEU CB  HB2  sing N N 132 
LEU CB  HB3  sing N N 133 
LEU CG  CD1  sing N N 134 
LEU CG  CD2  sing N N 135 
LEU CG  HG   sing N N 136 
LEU CD1 HD11 sing N N 137 
LEU CD1 HD12 sing N N 138 
LEU CD1 HD13 sing N N 139 
LEU CD2 HD21 sing N N 140 
LEU CD2 HD22 sing N N 141 
LEU CD2 HD23 sing N N 142 
LEU OXT HXT  sing N N 143 
LYS N   CA   sing N N 144 
LYS N   H    sing N N 145 
LYS N   H2   sing N N 146 
LYS CA  C    sing N N 147 
LYS CA  CB   sing N N 148 
LYS CA  HA   sing N N 149 
LYS C   O    doub N N 150 
LYS C   OXT  sing N N 151 
LYS CB  CG   sing N N 152 
LYS CB  HB2  sing N N 153 
LYS CB  HB3  sing N N 154 
LYS CG  CD   sing N N 155 
LYS CG  HG2  sing N N 156 
LYS CG  HG3  sing N N 157 
LYS CD  CE   sing N N 158 
LYS CD  HD2  sing N N 159 
LYS CD  HD3  sing N N 160 
LYS CE  NZ   sing N N 161 
LYS CE  HE2  sing N N 162 
LYS CE  HE3  sing N N 163 
LYS NZ  HZ1  sing N N 164 
LYS NZ  HZ2  sing N N 165 
LYS NZ  HZ3  sing N N 166 
LYS OXT HXT  sing N N 167 
MET N   CA   sing N N 168 
MET N   H    sing N N 169 
MET N   H2   sing N N 170 
MET CA  C    sing N N 171 
MET CA  CB   sing N N 172 
MET CA  HA   sing N N 173 
MET C   O    doub N N 174 
MET C   OXT  sing N N 175 
MET CB  CG   sing N N 176 
MET CB  HB2  sing N N 177 
MET CB  HB3  sing N N 178 
MET CG  SD   sing N N 179 
MET CG  HG2  sing N N 180 
MET CG  HG3  sing N N 181 
MET SD  CE   sing N N 182 
MET CE  HE1  sing N N 183 
MET CE  HE2  sing N N 184 
MET CE  HE3  sing N N 185 
MET OXT HXT  sing N N 186 
PHE N   CA   sing N N 187 
PHE N   H    sing N N 188 
PHE N   H2   sing N N 189 
PHE CA  C    sing N N 190 
PHE CA  CB   sing N N 191 
PHE CA  HA   sing N N 192 
PHE C   O    doub N N 193 
PHE C   OXT  sing N N 194 
PHE CB  CG   sing N N 195 
PHE CB  HB2  sing N N 196 
PHE CB  HB3  sing N N 197 
PHE CG  CD1  doub Y N 198 
PHE CG  CD2  sing Y N 199 
PHE CD1 CE1  sing Y N 200 
PHE CD1 HD1  sing N N 201 
PHE CD2 CE2  doub Y N 202 
PHE CD2 HD2  sing N N 203 
PHE CE1 CZ   doub Y N 204 
PHE CE1 HE1  sing N N 205 
PHE CE2 CZ   sing Y N 206 
PHE CE2 HE2  sing N N 207 
PHE CZ  HZ   sing N N 208 
PHE OXT HXT  sing N N 209 
PRO N   CA   sing N N 210 
PRO N   CD   sing N N 211 
PRO N   H    sing N N 212 
PRO CA  C    sing N N 213 
PRO CA  CB   sing N N 214 
PRO CA  HA   sing N N 215 
PRO C   O    doub N N 216 
PRO C   OXT  sing N N 217 
PRO CB  CG   sing N N 218 
PRO CB  HB2  sing N N 219 
PRO CB  HB3  sing N N 220 
PRO CG  CD   sing N N 221 
PRO CG  HG2  sing N N 222 
PRO CG  HG3  sing N N 223 
PRO CD  HD2  sing N N 224 
PRO CD  HD3  sing N N 225 
PRO OXT HXT  sing N N 226 
SER N   CA   sing N N 227 
SER N   H    sing N N 228 
SER N   H2   sing N N 229 
SER CA  C    sing N N 230 
SER CA  CB   sing N N 231 
SER CA  HA   sing N N 232 
SER C   O    doub N N 233 
SER C   OXT  sing N N 234 
SER CB  OG   sing N N 235 
SER CB  HB2  sing N N 236 
SER CB  HB3  sing N N 237 
SER OG  HG   sing N N 238 
SER OXT HXT  sing N N 239 
THR N   CA   sing N N 240 
THR N   H    sing N N 241 
THR N   H2   sing N N 242 
THR CA  C    sing N N 243 
THR CA  CB   sing N N 244 
THR CA  HA   sing N N 245 
THR C   O    doub N N 246 
THR C   OXT  sing N N 247 
THR CB  OG1  sing N N 248 
THR CB  CG2  sing N N 249 
THR CB  HB   sing N N 250 
THR OG1 HG1  sing N N 251 
THR CG2 HG21 sing N N 252 
THR CG2 HG22 sing N N 253 
THR CG2 HG23 sing N N 254 
THR OXT HXT  sing N N 255 
TYR N   CA   sing N N 256 
TYR N   H    sing N N 257 
TYR N   H2   sing N N 258 
TYR CA  C    sing N N 259 
TYR CA  CB   sing N N 260 
TYR CA  HA   sing N N 261 
TYR C   O    doub N N 262 
TYR C   OXT  sing N N 263 
TYR CB  CG   sing N N 264 
TYR CB  HB2  sing N N 265 
TYR CB  HB3  sing N N 266 
TYR CG  CD1  doub Y N 267 
TYR CG  CD2  sing Y N 268 
TYR CD1 CE1  sing Y N 269 
TYR CD1 HD1  sing N N 270 
TYR CD2 CE2  doub Y N 271 
TYR CD2 HD2  sing N N 272 
TYR CE1 CZ   doub Y N 273 
TYR CE1 HE1  sing N N 274 
TYR CE2 CZ   sing Y N 275 
TYR CE2 HE2  sing N N 276 
TYR CZ  OH   sing N N 277 
TYR OH  HH   sing N N 278 
TYR OXT HXT  sing N N 279 
VAL N   CA   sing N N 280 
VAL N   H    sing N N 281 
VAL N   H2   sing N N 282 
VAL CA  C    sing N N 283 
VAL CA  CB   sing N N 284 
VAL CA  HA   sing N N 285 
VAL C   O    doub N N 286 
VAL C   OXT  sing N N 287 
VAL CB  CG1  sing N N 288 
VAL CB  CG2  sing N N 289 
VAL CB  HB   sing N N 290 
VAL CG1 HG11 sing N N 291 
VAL CG1 HG12 sing N N 292 
VAL CG1 HG13 sing N N 293 
VAL CG2 HG21 sing N N 294 
VAL CG2 HG22 sing N N 295 
VAL CG2 HG23 sing N N 296 
VAL OXT HXT  sing N N 297 
# 
_pdbx_entity_nonpoly.entity_id   2 
_pdbx_entity_nonpoly.name        water 
_pdbx_entity_nonpoly.comp_id     HOH 
# 
_pdbx_initial_refinement_model.id               1 
_pdbx_initial_refinement_model.entity_id_list   ? 
_pdbx_initial_refinement_model.type             'experimental model' 
_pdbx_initial_refinement_model.source_name      PDB 
_pdbx_initial_refinement_model.accession_code   1L0H 
_pdbx_initial_refinement_model.details          'PDB ENTRY 1L0H' 
# 
